data_8OF2
#
_entry.id   8OF2
#
_cell.length_a   74.770
_cell.length_b   91.052
_cell.length_c   83.027
_cell.angle_alpha   90.00
_cell.angle_beta   115.63
_cell.angle_gamma   90.00
#
_symmetry.space_group_name_H-M   'P 1 21 1'
#
loop_
_entity.id
_entity.type
_entity.pdbx_description
1 polymer 'Pteridine reductase'
2 non-polymer PYRIMIDINE-2,4,6-TRIAMINE
3 non-polymer 'NADPH DIHYDRO-NICOTINAMIDE-ADENINE-DINUCLEOTIDE PHOSPHATE'
4 non-polymer 1,2-ETHANEDIOL
5 non-polymer 'ACETATE ION'
6 water water
#
_entity_poly.entity_id   1
_entity_poly.type   'polypeptide(L)'
_entity_poly.pdbx_seq_one_letter_code
;MGSSHHHHHHSSGLVPRGSHMEAPAAVVTGAAKRIGRAIAVKLHQTGYRVVIHYHNSAEAAVSLADELNKERSNTAVVCQ
ADLTNSNVLPASCEEIINSCFRAFGRCDVLVNNASAFYPTPLVQGDHEDNSNGKTVETQVAELIGTNAIAPFLLTMSFAQ
RQKGTNPNCTSSNLSIVNLCDAMVDQPCMAFSLYNMGKHALVGLTQSAALELAPYGIRVNGVAPGVSLLPVAMGEEEKDK
WRRKVPLGRREASAEQIADAVIFLVSGSAQYITGSIIKVDGGLSLVHA
;
_entity_poly.pdbx_strand_id   A,B,C,D
#
loop_
_chem_comp.id
_chem_comp.type
_chem_comp.name
_chem_comp.formula
3AY non-polymer PYRIMIDINE-2,4,6-TRIAMINE 'C4 H7 N5'
ACT non-polymer 'ACETATE ION' 'C2 H3 O2 -1'
EDO non-polymer 1,2-ETHANEDIOL 'C2 H6 O2'
NDP non-polymer 'NADPH DIHYDRO-NICOTINAMIDE-ADENINE-DINUCLEOTIDE PHOSPHATE' 'C21 H30 N7 O17 P3'
#
# COMPACT_ATOMS: atom_id res chain seq x y z
N GLU A 22 6.76 36.66 17.76
CA GLU A 22 7.77 35.58 17.95
C GLU A 22 7.12 34.20 18.07
N ALA A 23 5.89 34.09 18.61
CA ALA A 23 5.23 32.79 18.64
C ALA A 23 4.81 32.41 17.21
N PRO A 24 4.99 31.14 16.78
CA PRO A 24 4.45 30.70 15.48
C PRO A 24 2.93 30.66 15.51
N ALA A 25 2.33 30.55 14.31
CA ALA A 25 0.87 30.56 14.24
C ALA A 25 0.39 29.37 13.40
N ALA A 26 -0.79 28.87 13.76
CA ALA A 26 -1.36 27.71 13.08
C ALA A 26 -2.82 27.96 12.74
N VAL A 27 -3.26 27.49 11.54
CA VAL A 27 -4.67 27.40 11.18
C VAL A 27 -5.13 25.96 11.41
N VAL A 28 -6.23 25.79 12.11
CA VAL A 28 -6.82 24.45 12.20
C VAL A 28 -8.25 24.57 11.67
N THR A 29 -8.60 23.74 10.67
CA THR A 29 -9.97 23.80 10.13
C THR A 29 -10.87 22.90 10.95
N GLY A 30 -12.15 23.30 11.03
CA GLY A 30 -13.13 22.56 11.81
C GLY A 30 -12.65 22.39 13.25
N ALA A 31 -12.18 23.48 13.85
CA ALA A 31 -11.52 23.44 15.17
C ALA A 31 -12.46 23.71 16.37
N ALA A 32 -13.76 23.84 16.15
CA ALA A 32 -14.63 24.18 17.27
C ALA A 32 -14.91 23.01 18.22
N LYS A 33 -14.91 21.79 17.68
CA LYS A 33 -15.31 20.64 18.46
C LYS A 33 -14.39 19.45 18.17
N ARG A 34 -14.43 18.45 19.07
CA ARG A 34 -13.95 17.10 18.76
C ARG A 34 -12.45 17.13 18.45
N ILE A 35 -12.02 16.45 17.37
CA ILE A 35 -10.59 16.30 17.17
C ILE A 35 -9.95 17.65 16.82
N GLY A 36 -10.64 18.46 16.01
CA GLY A 36 -10.00 19.73 15.65
C GLY A 36 -9.83 20.63 16.89
N ARG A 37 -10.77 20.58 17.82
CA ARG A 37 -10.60 21.35 19.05
C ARG A 37 -9.38 20.87 19.81
N ALA A 38 -9.25 19.54 19.93
CA ALA A 38 -8.13 18.98 20.68
C ALA A 38 -6.81 19.38 20.04
N ILE A 39 -6.76 19.43 18.70
CA ILE A 39 -5.54 19.83 18.03
C ILE A 39 -5.28 21.31 18.29
N ALA A 40 -6.30 22.17 18.20
CA ALA A 40 -6.09 23.60 18.46
C ALA A 40 -5.57 23.80 19.90
N VAL A 41 -6.21 23.13 20.86
CA VAL A 41 -5.77 23.25 22.23
C VAL A 41 -4.32 22.80 22.39
N LYS A 42 -3.95 21.64 21.83
CA LYS A 42 -2.59 21.16 22.04
C LYS A 42 -1.57 22.03 21.31
N LEU A 43 -1.91 22.54 20.10
CA LEU A 43 -0.99 23.50 19.50
C LEU A 43 -0.82 24.74 20.40
N HIS A 44 -1.93 25.25 20.94
CA HIS A 44 -1.84 26.46 21.76
C HIS A 44 -0.96 26.18 22.99
N GLN A 45 -1.13 24.99 23.60
CA GLN A 45 -0.34 24.64 24.79
C GLN A 45 1.14 24.54 24.45
N THR A 46 1.47 24.20 23.20
CA THR A 46 2.81 24.05 22.68
C THR A 46 3.44 25.41 22.39
N GLY A 47 2.62 26.47 22.33
CA GLY A 47 3.18 27.80 22.12
C GLY A 47 2.66 28.50 20.86
N TYR A 48 1.77 27.84 20.11
CA TYR A 48 1.25 28.45 18.88
C TYR A 48 0.13 29.45 19.20
N ARG A 49 0.06 30.48 18.34
CA ARG A 49 -1.15 31.28 18.15
C ARG A 49 -2.03 30.53 17.15
N VAL A 50 -3.34 30.55 17.34
CA VAL A 50 -4.21 29.67 16.54
C VAL A 50 -5.37 30.43 15.93
N VAL A 51 -5.63 30.12 14.65
CA VAL A 51 -6.89 30.44 13.99
C VAL A 51 -7.81 29.24 14.09
N ILE A 52 -8.95 29.45 14.76
CA ILE A 52 -9.97 28.44 14.94
C ILE A 52 -10.99 28.61 13.81
N HIS A 53 -10.87 27.78 12.75
CA HIS A 53 -11.86 27.82 11.69
C HIS A 53 -13.11 27.05 12.11
N TYR A 54 -14.27 27.56 11.68
CA TYR A 54 -15.50 26.83 11.90
C TYR A 54 -16.49 27.15 10.77
N HIS A 55 -17.53 26.32 10.65
CA HIS A 55 -18.58 26.56 9.67
C HIS A 55 -19.87 26.93 10.41
N ASN A 56 -20.48 25.96 11.09
CA ASN A 56 -21.73 26.22 11.79
C ASN A 56 -21.55 26.42 13.30
N SER A 57 -20.44 25.96 13.87
CA SER A 57 -20.34 25.90 15.32
C SER A 57 -19.76 27.20 15.89
N ALA A 58 -20.50 28.32 15.73
CA ALA A 58 -19.99 29.64 16.08
C ALA A 58 -19.81 29.76 17.59
N GLU A 59 -20.81 29.32 18.36
CA GLU A 59 -20.75 29.40 19.82
C GLU A 59 -19.55 28.66 20.39
N ALA A 60 -19.34 27.41 19.94
CA ALA A 60 -18.22 26.60 20.39
C ALA A 60 -16.89 27.21 19.98
N ALA A 61 -16.85 27.82 18.78
CA ALA A 61 -15.58 28.36 18.30
C ALA A 61 -15.15 29.55 19.15
N VAL A 62 -16.12 30.45 19.38
CA VAL A 62 -15.91 31.65 20.20
C VAL A 62 -15.58 31.26 21.64
N SER A 63 -16.23 30.21 22.17
CA SER A 63 -15.91 29.70 23.50
CA SER A 63 -15.90 29.74 23.51
C SER A 63 -14.45 29.24 23.61
N LEU A 64 -13.99 28.47 22.60
CA LEU A 64 -12.61 28.02 22.60
C LEU A 64 -11.63 29.19 22.54
N ALA A 65 -11.88 30.15 21.63
CA ALA A 65 -10.98 31.28 21.49
C ALA A 65 -10.89 32.04 22.84
N ASP A 66 -12.04 32.19 23.50
CA ASP A 66 -12.10 32.84 24.81
C ASP A 66 -11.22 32.10 25.81
N GLU A 67 -11.35 30.76 25.85
CA GLU A 67 -10.56 29.94 26.76
C GLU A 67 -9.07 30.11 26.49
N LEU A 68 -8.65 30.05 25.22
CA LEU A 68 -7.24 30.18 24.88
C LEU A 68 -6.70 31.58 25.15
N ASN A 69 -7.52 32.60 24.86
CA ASN A 69 -7.08 33.99 25.08
C ASN A 69 -6.98 34.28 26.58
N LYS A 70 -7.80 33.61 27.38
CA LYS A 70 -7.68 33.79 28.84
C LYS A 70 -6.32 33.28 29.29
N GLU A 71 -5.80 32.21 28.66
CA GLU A 71 -4.50 31.65 29.00
C GLU A 71 -3.36 32.57 28.54
N ARG A 72 -3.39 33.04 27.28
CA ARG A 72 -2.41 34.00 26.79
C ARG A 72 -3.17 34.99 25.88
N SER A 73 -3.24 36.29 26.24
CA SER A 73 -4.06 37.22 25.47
CA SER A 73 -4.03 37.25 25.48
C SER A 73 -3.55 37.33 24.03
N ASN A 74 -4.49 37.51 23.12
CA ASN A 74 -4.22 37.79 21.72
C ASN A 74 -3.50 36.60 21.07
N THR A 75 -3.94 35.38 21.40
CA THR A 75 -3.27 34.22 20.81
C THR A 75 -4.28 33.33 20.07
N ALA A 76 -5.55 33.72 20.02
CA ALA A 76 -6.55 32.91 19.32
C ALA A 76 -7.57 33.82 18.64
N VAL A 77 -7.96 33.47 17.41
CA VAL A 77 -9.05 34.14 16.71
C VAL A 77 -9.89 33.07 16.07
N VAL A 78 -11.12 33.40 15.70
CA VAL A 78 -11.98 32.49 14.98
C VAL A 78 -12.08 33.01 13.55
N CYS A 79 -12.45 32.09 12.64
CA CYS A 79 -12.59 32.41 11.23
C CYS A 79 -13.68 31.51 10.68
N GLN A 80 -14.79 32.09 10.18
CA GLN A 80 -15.90 31.31 9.68
C GLN A 80 -15.76 31.07 8.18
N ALA A 81 -15.98 29.80 7.74
CA ALA A 81 -16.09 29.56 6.30
C ALA A 81 -16.74 28.22 6.00
N ASP A 82 -17.56 28.22 4.95
CA ASP A 82 -18.04 26.97 4.38
C ASP A 82 -16.97 26.43 3.45
N LEU A 83 -16.60 25.13 3.63
CA LEU A 83 -15.58 24.51 2.79
C LEU A 83 -16.19 23.55 1.76
N THR A 84 -17.49 23.64 1.51
CA THR A 84 -18.11 22.91 0.40
C THR A 84 -17.51 23.45 -0.89
N ASN A 85 -17.28 22.58 -1.89
CA ASN A 85 -16.77 23.08 -3.16
C ASN A 85 -17.81 23.97 -3.86
N SER A 86 -17.28 25.04 -4.49
CA SER A 86 -18.05 26.00 -5.29
C SER A 86 -17.07 26.92 -5.95
N ASN A 87 -17.57 27.78 -6.84
CA ASN A 87 -16.66 28.70 -7.52
C ASN A 87 -16.07 29.76 -6.60
N VAL A 88 -16.61 29.91 -5.37
CA VAL A 88 -15.97 30.83 -4.44
CA VAL A 88 -16.07 30.82 -4.39
C VAL A 88 -15.16 30.11 -3.37
N LEU A 89 -15.07 28.78 -3.42
CA LEU A 89 -14.21 28.13 -2.44
C LEU A 89 -12.76 28.63 -2.47
N PRO A 90 -12.10 28.88 -3.62
CA PRO A 90 -10.75 29.42 -3.57
C PRO A 90 -10.64 30.70 -2.76
N ALA A 91 -11.60 31.60 -2.96
CA ALA A 91 -11.59 32.86 -2.23
C ALA A 91 -11.74 32.61 -0.73
N SER A 92 -12.61 31.68 -0.33
CA SER A 92 -12.79 31.36 1.08
C SER A 92 -11.52 30.81 1.71
N CYS A 93 -10.87 29.91 0.95
CA CYS A 93 -9.62 29.33 1.46
C CYS A 93 -8.50 30.38 1.54
N GLU A 94 -8.35 31.23 0.51
CA GLU A 94 -7.46 32.36 0.59
CA GLU A 94 -7.45 32.36 0.58
C GLU A 94 -7.74 33.18 1.84
N GLU A 95 -9.04 33.40 2.14
CA GLU A 95 -9.41 34.24 3.28
C GLU A 95 -9.04 33.61 4.61
N ILE A 96 -9.13 32.28 4.73
CA ILE A 96 -8.73 31.62 6.00
C ILE A 96 -7.25 31.85 6.25
N ILE A 97 -6.42 31.67 5.21
CA ILE A 97 -4.99 31.87 5.37
C ILE A 97 -4.73 33.35 5.65
N ASN A 98 -5.46 34.21 4.94
CA ASN A 98 -5.29 35.65 5.13
CA ASN A 98 -5.29 35.64 5.12
C ASN A 98 -5.59 36.02 6.57
N SER A 99 -6.58 35.36 7.18
CA SER A 99 -6.98 35.68 8.54
CA SER A 99 -7.00 35.63 8.56
CA SER A 99 -6.98 35.66 8.55
C SER A 99 -5.84 35.38 9.53
N CYS A 100 -5.02 34.37 9.23
CA CYS A 100 -3.90 34.06 10.09
C CYS A 100 -2.85 35.16 9.97
N PHE A 101 -2.58 35.62 8.75
CA PHE A 101 -1.60 36.69 8.60
C PHE A 101 -2.14 37.99 9.20
N ARG A 102 -3.45 38.22 9.06
CA ARG A 102 -4.03 39.46 9.58
C ARG A 102 -3.86 39.50 11.11
N ALA A 103 -4.23 38.42 11.80
CA ALA A 103 -4.15 38.34 13.24
C ALA A 103 -2.71 38.28 13.74
N PHE A 104 -1.85 37.46 13.10
CA PHE A 104 -0.60 37.08 13.75
C PHE A 104 0.65 37.41 12.94
N GLY A 105 0.48 37.85 11.70
CA GLY A 105 1.58 38.30 10.84
C GLY A 105 2.39 37.17 10.21
N ARG A 106 1.95 35.90 10.38
CA ARG A 106 2.69 34.74 9.85
C ARG A 106 1.72 33.57 9.91
N CYS A 107 2.07 32.49 9.21
CA CYS A 107 1.27 31.28 9.26
C CYS A 107 2.24 30.11 9.05
N ASP A 108 2.55 29.39 10.14
CA ASP A 108 3.59 28.37 10.16
C ASP A 108 3.03 26.97 9.90
N VAL A 109 1.80 26.73 10.34
CA VAL A 109 1.21 25.39 10.32
C VAL A 109 -0.22 25.48 9.80
N LEU A 110 -0.55 24.55 8.89
CA LEU A 110 -1.94 24.37 8.49
C LEU A 110 -2.35 22.95 8.86
N VAL A 111 -3.46 22.81 9.60
CA VAL A 111 -4.02 21.48 9.85
C VAL A 111 -5.36 21.37 9.12
N ASN A 112 -5.42 20.49 8.12
CA ASN A 112 -6.67 20.25 7.40
C ASN A 112 -7.45 19.16 8.10
N ASN A 113 -8.37 19.55 8.98
CA ASN A 113 -9.13 18.66 9.84
C ASN A 113 -10.60 18.64 9.44
N ALA A 114 -11.17 19.76 8.95
CA ALA A 114 -12.62 19.83 8.69
C ALA A 114 -13.01 18.73 7.71
N SER A 115 -14.19 18.14 7.93
CA SER A 115 -14.57 16.99 7.10
C SER A 115 -16.05 16.68 7.24
N ALA A 116 -16.69 16.50 6.06
CA ALA A 116 -18.04 15.95 6.00
C ALA A 116 -17.97 14.43 5.91
N PHE A 117 -18.94 13.73 6.53
CA PHE A 117 -18.88 12.29 6.65
C PHE A 117 -20.30 11.75 6.73
N TYR A 118 -20.75 11.08 5.66
CA TYR A 118 -22.09 10.49 5.65
C TYR A 118 -22.13 9.60 4.42
N PRO A 119 -23.06 8.62 4.41
CA PRO A 119 -23.13 7.66 3.32
C PRO A 119 -23.76 8.24 2.05
N THR A 120 -23.28 7.72 0.89
CA THR A 120 -23.77 8.05 -0.43
C THR A 120 -23.93 6.73 -1.18
N PRO A 121 -25.05 5.99 -0.96
CA PRO A 121 -25.17 4.65 -1.59
C PRO A 121 -25.19 4.79 -3.11
N LEU A 122 -24.65 3.77 -3.80
CA LEU A 122 -24.55 3.78 -5.26
C LEU A 122 -25.89 3.45 -5.89
N VAL A 123 -26.70 2.64 -5.18
CA VAL A 123 -28.00 2.21 -5.71
C VAL A 123 -29.11 2.74 -4.81
N GLN A 124 -30.13 3.29 -5.49
CA GLN A 124 -31.33 3.94 -4.96
C GLN A 124 -32.48 2.93 -5.02
N LYS A 134 -30.42 15.83 0.03
CA LYS A 134 -29.43 16.58 -0.78
C LYS A 134 -29.31 15.91 -2.16
N THR A 135 -29.02 16.73 -3.16
CA THR A 135 -28.77 16.21 -4.49
C THR A 135 -27.39 15.54 -4.46
N VAL A 136 -27.16 14.64 -5.43
CA VAL A 136 -25.84 14.04 -5.54
C VAL A 136 -24.78 15.13 -5.80
N GLU A 137 -25.09 16.20 -6.55
CA GLU A 137 -24.06 17.19 -6.80
C GLU A 137 -23.69 17.93 -5.50
N THR A 138 -24.65 18.13 -4.62
CA THR A 138 -24.33 18.70 -3.30
C THR A 138 -23.48 17.74 -2.47
N GLN A 139 -23.79 16.45 -2.47
CA GLN A 139 -22.97 15.47 -1.79
C GLN A 139 -21.54 15.50 -2.31
N VAL A 140 -21.40 15.57 -3.64
CA VAL A 140 -20.04 15.67 -4.19
C VAL A 140 -19.35 16.93 -3.67
N ALA A 141 -20.05 18.09 -3.76
CA ALA A 141 -19.44 19.34 -3.36
C ALA A 141 -19.04 19.30 -1.89
N GLU A 142 -19.85 18.65 -1.03
CA GLU A 142 -19.53 18.62 0.39
C GLU A 142 -18.46 17.60 0.75
N LEU A 143 -18.59 16.37 0.26
CA LEU A 143 -17.68 15.30 0.66
C LEU A 143 -16.32 15.44 -0.02
N ILE A 144 -16.31 15.75 -1.32
CA ILE A 144 -15.04 15.99 -2.02
C ILE A 144 -14.50 17.38 -1.72
N GLY A 145 -15.37 18.39 -1.65
CA GLY A 145 -14.89 19.73 -1.27
C GLY A 145 -14.22 19.80 0.10
N THR A 146 -14.90 19.36 1.16
CA THR A 146 -14.30 19.45 2.50
C THR A 146 -13.07 18.57 2.63
N ASN A 147 -13.16 17.32 2.13
CA ASN A 147 -12.12 16.38 2.47
C ASN A 147 -10.93 16.52 1.53
N ALA A 148 -11.11 17.15 0.37
CA ALA A 148 -10.01 17.12 -0.60
C ALA A 148 -9.76 18.49 -1.27
N ILE A 149 -10.81 19.11 -1.84
CA ILE A 149 -10.55 20.31 -2.62
C ILE A 149 -10.16 21.47 -1.69
N ALA A 150 -10.88 21.65 -0.57
CA ALA A 150 -10.48 22.71 0.35
C ALA A 150 -9.05 22.51 0.88
N PRO A 151 -8.64 21.30 1.30
CA PRO A 151 -7.24 21.07 1.65
C PRO A 151 -6.32 21.51 0.53
N PHE A 152 -6.68 21.21 -0.72
CA PHE A 152 -5.80 21.57 -1.82
C PHE A 152 -5.70 23.10 -1.94
N LEU A 153 -6.85 23.78 -1.92
CA LEU A 153 -6.79 25.23 -2.06
C LEU A 153 -6.13 25.91 -0.87
N LEU A 154 -6.39 25.40 0.35
CA LEU A 154 -5.69 25.91 1.53
C LEU A 154 -4.18 25.76 1.45
N THR A 155 -3.75 24.62 0.88
CA THR A 155 -2.35 24.34 0.67
C THR A 155 -1.76 25.35 -0.32
N MET A 156 -2.47 25.58 -1.43
CA MET A 156 -2.07 26.60 -2.40
C MET A 156 -1.88 27.94 -1.69
N SER A 157 -2.90 28.36 -0.96
CA SER A 157 -2.84 29.71 -0.37
C SER A 157 -1.75 29.78 0.70
N PHE A 158 -1.61 28.71 1.52
CA PHE A 158 -0.55 28.65 2.52
C PHE A 158 0.83 28.81 1.89
N ALA A 159 1.08 28.09 0.80
CA ALA A 159 2.39 28.10 0.19
C ALA A 159 2.65 29.45 -0.46
N GLN A 160 1.63 29.99 -1.14
CA GLN A 160 1.79 31.22 -1.92
C GLN A 160 2.14 32.36 -0.97
N ARG A 161 1.61 32.33 0.25
CA ARG A 161 1.77 33.46 1.18
C ARG A 161 3.11 33.44 1.89
N GLN A 162 3.90 32.39 1.75
CA GLN A 162 5.08 32.26 2.60
C GLN A 162 6.15 33.29 2.22
N SER A 172 12.90 28.44 11.04
CA SER A 172 11.50 28.34 10.53
C SER A 172 11.11 26.88 10.31
N ASN A 173 9.87 26.49 10.67
CA ASN A 173 9.47 25.08 10.60
C ASN A 173 8.04 25.03 10.06
N LEU A 174 7.93 25.12 8.74
CA LEU A 174 6.61 25.24 8.14
C LEU A 174 6.09 23.85 7.84
N SER A 175 4.80 23.62 8.13
CA SER A 175 4.30 22.29 7.79
C SER A 175 2.79 22.27 7.71
N ILE A 176 2.32 21.25 6.99
CA ILE A 176 0.90 21.01 6.80
C ILE A 176 0.64 19.60 7.30
N VAL A 177 -0.46 19.45 8.00
CA VAL A 177 -0.88 18.11 8.44
C VAL A 177 -2.32 17.89 7.98
N ASN A 178 -2.55 16.79 7.24
CA ASN A 178 -3.87 16.46 6.73
C ASN A 178 -4.46 15.34 7.59
N LEU A 179 -5.71 15.46 8.02
CA LEU A 179 -6.33 14.35 8.75
C LEU A 179 -6.97 13.39 7.76
N CYS A 180 -6.37 12.19 7.70
CA CYS A 180 -6.63 11.17 6.70
C CYS A 180 -7.51 10.13 7.38
N ASP A 181 -7.54 8.90 6.90
CA ASP A 181 -8.40 7.88 7.49
C ASP A 181 -7.67 6.55 7.40
N ALA A 182 -7.42 5.89 8.56
CA ALA A 182 -6.63 4.64 8.49
C ALA A 182 -7.36 3.52 7.73
N MET A 183 -8.68 3.66 7.58
CA MET A 183 -9.52 2.64 6.97
C MET A 183 -9.74 2.89 5.47
N VAL A 184 -8.86 3.69 4.86
CA VAL A 184 -9.11 4.10 3.46
C VAL A 184 -9.13 2.89 2.50
N ASP A 185 -8.42 1.81 2.83
CA ASP A 185 -8.44 0.66 1.94
C ASP A 185 -9.33 -0.47 2.42
N GLN A 186 -10.10 -0.26 3.50
CA GLN A 186 -11.15 -1.19 3.88
C GLN A 186 -12.36 -0.35 4.22
N PRO A 187 -13.00 0.23 3.19
CA PRO A 187 -13.99 1.28 3.42
C PRO A 187 -15.32 0.80 4.03
N CYS A 188 -15.94 1.72 4.77
CA CYS A 188 -17.30 1.49 5.23
C CYS A 188 -18.23 1.39 4.01
N MET A 189 -19.16 0.46 4.13
CA MET A 189 -20.17 0.17 3.12
C MET A 189 -21.01 1.43 2.84
N ALA A 190 -21.12 1.80 1.55
CA ALA A 190 -21.97 2.88 1.06
C ALA A 190 -21.39 4.28 1.33
N PHE A 191 -20.10 4.36 1.63
CA PHE A 191 -19.39 5.62 1.83
C PHE A 191 -18.45 5.92 0.66
N SER A 192 -18.86 5.69 -0.59
CA SER A 192 -18.02 5.87 -1.78
CA SER A 192 -17.94 5.84 -1.72
C SER A 192 -17.43 7.28 -1.87
N LEU A 193 -18.29 8.29 -1.82
CA LEU A 193 -17.78 9.65 -2.04
C LEU A 193 -16.85 10.04 -0.90
N TYR A 194 -17.21 9.77 0.35
CA TYR A 194 -16.30 10.03 1.45
C TYR A 194 -14.95 9.35 1.20
N ASN A 195 -14.97 8.06 0.82
CA ASN A 195 -13.71 7.35 0.67
C ASN A 195 -12.90 7.93 -0.49
N MET A 196 -13.59 8.30 -1.58
CA MET A 196 -12.91 8.95 -2.68
C MET A 196 -12.23 10.24 -2.18
N GLY A 197 -12.93 11.02 -1.34
CA GLY A 197 -12.31 12.27 -0.87
C GLY A 197 -11.05 12.00 -0.03
N LYS A 198 -11.10 11.01 0.86
CA LYS A 198 -9.97 10.69 1.71
C LYS A 198 -8.82 10.11 0.89
N HIS A 199 -9.13 9.30 -0.15
CA HIS A 199 -8.03 8.85 -1.02
C HIS A 199 -7.42 10.06 -1.73
N ALA A 200 -8.27 11.01 -2.20
CA ALA A 200 -7.72 12.18 -2.85
C ALA A 200 -6.80 12.95 -1.89
N LEU A 201 -7.14 12.98 -0.60
CA LEU A 201 -6.33 13.70 0.37
C LEU A 201 -4.95 13.04 0.53
N VAL A 202 -4.88 11.69 0.45
CA VAL A 202 -3.59 10.98 0.45
C VAL A 202 -2.79 11.47 -0.75
N GLY A 203 -3.43 11.49 -1.94
CA GLY A 203 -2.76 12.00 -3.14
C GLY A 203 -2.21 13.41 -2.94
N LEU A 204 -3.02 14.28 -2.31
CA LEU A 204 -2.56 15.65 -2.08
C LEU A 204 -1.38 15.65 -1.13
N THR A 205 -1.46 14.88 -0.04
CA THR A 205 -0.36 14.82 0.93
C THR A 205 0.96 14.48 0.22
N GLN A 206 0.94 13.44 -0.64
CA GLN A 206 2.17 13.03 -1.33
C GLN A 206 2.57 14.08 -2.36
N SER A 207 1.63 14.54 -3.21
CA SER A 207 1.96 15.50 -4.25
C SER A 207 2.51 16.81 -3.65
N ALA A 208 1.82 17.31 -2.62
CA ALA A 208 2.27 18.57 -2.06
C ALA A 208 3.63 18.41 -1.33
N ALA A 209 3.86 17.25 -0.69
CA ALA A 209 5.15 17.02 -0.02
C ALA A 209 6.26 17.16 -1.06
N LEU A 210 6.06 16.56 -2.23
CA LEU A 210 7.09 16.61 -3.28
CA LEU A 210 7.12 16.62 -3.24
C LEU A 210 7.28 18.05 -3.76
N GLU A 211 6.16 18.70 -4.09
CA GLU A 211 6.22 20.00 -4.74
C GLU A 211 6.70 21.11 -3.80
N LEU A 212 6.36 21.04 -2.51
CA LEU A 212 6.68 22.08 -1.54
C LEU A 212 7.99 21.87 -0.78
N ALA A 213 8.60 20.67 -0.89
CA ALA A 213 9.87 20.37 -0.24
C ALA A 213 10.94 21.44 -0.55
N PRO A 214 11.07 21.91 -1.80
CA PRO A 214 12.10 22.91 -2.10
C PRO A 214 11.86 24.23 -1.37
N TYR A 215 10.65 24.47 -0.81
CA TYR A 215 10.32 25.70 -0.10
CA TYR A 215 10.38 25.71 -0.11
C TYR A 215 10.41 25.51 1.41
N GLY A 216 10.81 24.32 1.82
CA GLY A 216 10.94 24.01 3.25
C GLY A 216 9.60 23.72 3.91
N ILE A 217 8.57 23.39 3.12
CA ILE A 217 7.29 23.11 3.77
C ILE A 217 7.10 21.60 3.76
N ARG A 218 6.91 20.98 4.93
CA ARG A 218 6.71 19.54 5.02
C ARG A 218 5.20 19.29 5.00
N VAL A 219 4.76 18.18 4.41
CA VAL A 219 3.33 17.89 4.33
C VAL A 219 3.14 16.43 4.73
N ASN A 220 2.36 16.22 5.78
CA ASN A 220 2.23 14.87 6.31
C ASN A 220 0.77 14.64 6.67
N GLY A 221 0.44 13.42 7.10
CA GLY A 221 -0.93 13.10 7.45
C GLY A 221 -0.99 12.34 8.77
N VAL A 222 -2.15 12.40 9.43
CA VAL A 222 -2.45 11.55 10.58
C VAL A 222 -3.76 10.87 10.23
N ALA A 223 -3.78 9.55 10.40
CA ALA A 223 -4.88 8.73 9.92
C ALA A 223 -5.51 8.02 11.12
N PRO A 224 -6.59 8.56 11.74
CA PRO A 224 -7.29 7.86 12.80
C PRO A 224 -8.02 6.64 12.26
N GLY A 225 -8.22 5.64 13.14
CA GLY A 225 -9.10 4.51 12.85
C GLY A 225 -10.50 4.86 13.33
N VAL A 226 -10.83 4.40 14.54
CA VAL A 226 -12.01 4.95 15.19
CA VAL A 226 -12.01 4.89 15.23
C VAL A 226 -11.54 5.82 16.34
N SER A 227 -11.96 7.08 16.28
CA SER A 227 -11.71 8.01 17.34
C SER A 227 -13.10 8.36 17.85
N LEU A 228 -13.35 9.62 18.16
CA LEU A 228 -14.65 10.01 18.68
C LEU A 228 -15.75 9.61 17.72
N LEU A 229 -16.70 8.83 18.23
CA LEU A 229 -17.73 8.30 17.37
C LEU A 229 -18.76 9.40 17.09
N PRO A 230 -19.54 9.29 16.00
CA PRO A 230 -20.49 10.36 15.64
C PRO A 230 -21.49 10.57 16.77
N VAL A 231 -21.79 11.85 17.04
CA VAL A 231 -22.75 12.23 18.06
C VAL A 231 -24.08 11.51 17.82
N ALA A 232 -24.46 11.26 16.54
CA ALA A 232 -25.77 10.71 16.22
C ALA A 232 -25.83 9.18 16.32
N MET A 233 -24.69 8.53 16.57
CA MET A 233 -24.65 7.08 16.53
C MET A 233 -25.12 6.55 17.89
N GLY A 234 -25.91 5.47 17.87
CA GLY A 234 -26.45 4.82 19.07
C GLY A 234 -25.38 4.08 19.88
N GLU A 235 -25.66 3.85 21.18
CA GLU A 235 -24.67 3.32 22.12
CA GLU A 235 -24.64 3.35 22.08
C GLU A 235 -24.25 1.92 21.70
N GLU A 236 -25.20 1.16 21.14
CA GLU A 236 -24.90 -0.22 20.79
C GLU A 236 -23.92 -0.22 19.61
N GLU A 237 -24.11 0.67 18.62
CA GLU A 237 -23.22 0.67 17.46
CA GLU A 237 -23.21 0.65 17.47
C GLU A 237 -21.83 1.15 17.89
N LYS A 238 -21.79 2.14 18.80
CA LYS A 238 -20.51 2.66 19.30
C LYS A 238 -19.71 1.52 19.93
N ASP A 239 -20.42 0.68 20.71
CA ASP A 239 -19.73 -0.40 21.39
C ASP A 239 -19.27 -1.44 20.37
N LYS A 240 -20.02 -1.61 19.30
CA LYS A 240 -19.62 -2.54 18.25
C LYS A 240 -18.26 -2.10 17.66
N TRP A 241 -18.13 -0.80 17.42
CA TRP A 241 -16.87 -0.31 16.83
C TRP A 241 -15.73 -0.43 17.84
N ARG A 242 -16.02 -0.11 19.10
CA ARG A 242 -14.97 -0.20 20.11
C ARG A 242 -14.41 -1.62 20.21
N ARG A 243 -15.27 -2.63 20.10
CA ARG A 243 -14.82 -3.98 20.35
C ARG A 243 -13.94 -4.50 19.21
N LYS A 244 -13.88 -3.75 18.09
CA LYS A 244 -13.06 -4.19 16.96
C LYS A 244 -11.58 -3.82 17.15
N VAL A 245 -11.27 -2.90 18.07
CA VAL A 245 -9.92 -2.34 18.14
C VAL A 245 -9.01 -3.24 18.96
N PRO A 246 -7.93 -3.81 18.37
CA PRO A 246 -7.02 -4.67 19.14
C PRO A 246 -6.44 -4.06 20.40
N LEU A 247 -5.98 -2.81 20.30
CA LEU A 247 -5.25 -2.21 21.39
C LEU A 247 -6.26 -1.49 22.30
N GLY A 248 -6.77 -2.26 23.27
CA GLY A 248 -7.58 -1.67 24.33
C GLY A 248 -9.09 -1.77 24.12
N ARG A 249 -9.55 -2.16 22.92
CA ARG A 249 -10.98 -2.31 22.66
C ARG A 249 -11.69 -0.99 22.96
N ARG A 250 -11.09 0.11 22.53
CA ARG A 250 -11.68 1.42 22.75
C ARG A 250 -11.23 2.34 21.61
N GLU A 251 -12.01 3.40 21.37
CA GLU A 251 -11.68 4.44 20.40
C GLU A 251 -10.51 5.32 20.89
N ALA A 252 -9.82 5.95 19.93
CA ALA A 252 -8.81 6.94 20.29
C ALA A 252 -9.49 8.17 20.88
N SER A 253 -8.93 8.70 21.95
CA SER A 253 -9.35 10.04 22.36
C SER A 253 -8.89 11.07 21.31
N ALA A 254 -9.59 12.22 21.28
CA ALA A 254 -9.14 13.30 20.42
C ALA A 254 -7.72 13.72 20.77
N GLU A 255 -7.33 13.60 22.04
CA GLU A 255 -5.99 14.03 22.46
C GLU A 255 -4.92 13.09 21.89
N GLN A 256 -5.26 11.81 21.76
CA GLN A 256 -4.31 10.87 21.17
C GLN A 256 -4.05 11.22 19.71
N ILE A 257 -5.10 11.64 19.01
CA ILE A 257 -4.91 12.05 17.62
C ILE A 257 -4.07 13.33 17.59
N ALA A 258 -4.43 14.29 18.46
CA ALA A 258 -3.66 15.55 18.46
C ALA A 258 -2.20 15.31 18.73
N ASP A 259 -1.88 14.35 19.60
CA ASP A 259 -0.47 14.07 19.92
C ASP A 259 0.34 13.71 18.66
N ALA A 260 -0.26 12.99 17.69
CA ALA A 260 0.49 12.69 16.46
C ALA A 260 0.67 13.96 15.62
N VAL A 261 -0.34 14.82 15.60
CA VAL A 261 -0.24 16.11 14.90
C VAL A 261 0.90 16.93 15.51
N ILE A 262 0.94 17.02 16.85
CA ILE A 262 2.01 17.73 17.54
C ILE A 262 3.40 17.19 17.14
N PHE A 263 3.56 15.87 17.08
CA PHE A 263 4.83 15.34 16.66
C PHE A 263 5.19 15.84 15.27
N LEU A 264 4.25 15.75 14.32
CA LEU A 264 4.62 16.02 12.93
C LEU A 264 4.96 17.48 12.70
N VAL A 265 4.40 18.39 13.51
CA VAL A 265 4.72 19.80 13.30
C VAL A 265 5.99 20.17 14.07
N SER A 266 6.46 19.29 14.97
CA SER A 266 7.59 19.56 15.88
C SER A 266 8.96 19.45 15.17
N GLY A 267 10.00 20.00 15.83
CA GLY A 267 11.37 19.85 15.34
C GLY A 267 11.85 18.38 15.35
N SER A 268 11.14 17.48 16.04
CA SER A 268 11.49 16.07 16.04
C SER A 268 11.05 15.36 14.76
N ALA A 269 10.40 16.07 13.84
CA ALA A 269 9.93 15.48 12.59
C ALA A 269 10.47 16.26 11.39
N GLN A 270 11.64 16.91 11.53
CA GLN A 270 12.00 17.84 10.47
CA GLN A 270 12.22 17.82 10.55
C GLN A 270 12.56 17.14 9.23
N TYR A 271 12.78 15.81 9.25
CA TYR A 271 13.12 15.10 8.02
C TYR A 271 11.93 14.28 7.49
N ILE A 272 10.74 14.48 8.09
CA ILE A 272 9.60 13.67 7.69
C ILE A 272 8.70 14.52 6.78
N THR A 273 8.52 14.05 5.55
CA THR A 273 7.51 14.67 4.69
C THR A 273 6.92 13.58 3.81
N GLY A 274 5.62 13.72 3.49
CA GLY A 274 4.92 12.75 2.67
C GLY A 274 4.51 11.52 3.46
N SER A 275 4.61 11.53 4.80
CA SER A 275 4.30 10.35 5.61
C SER A 275 2.91 10.48 6.19
N ILE A 276 2.23 9.32 6.32
CA ILE A 276 0.91 9.33 6.96
C ILE A 276 0.99 8.40 8.16
N ILE A 277 0.83 8.95 9.37
CA ILE A 277 0.92 8.15 10.59
C ILE A 277 -0.44 7.59 10.95
N LYS A 278 -0.62 6.25 10.93
CA LYS A 278 -1.87 5.68 11.43
C LYS A 278 -1.88 5.78 12.94
N VAL A 279 -3.02 6.20 13.49
CA VAL A 279 -3.26 6.24 14.92
C VAL A 279 -4.57 5.46 15.11
N ASP A 280 -4.49 4.12 15.06
CA ASP A 280 -5.71 3.34 14.91
C ASP A 280 -5.77 2.13 15.83
N GLY A 281 -4.86 2.02 16.79
CA GLY A 281 -4.94 0.91 17.74
C GLY A 281 -4.90 -0.46 17.08
N GLY A 282 -4.38 -0.53 15.83
CA GLY A 282 -4.29 -1.84 15.18
C GLY A 282 -5.52 -2.14 14.33
N LEU A 283 -6.53 -1.24 14.30
CA LEU A 283 -7.80 -1.59 13.63
C LEU A 283 -7.62 -2.00 12.16
N SER A 284 -6.74 -1.31 11.39
CA SER A 284 -6.63 -1.58 9.96
C SER A 284 -5.95 -2.93 9.71
N LEU A 285 -5.39 -3.55 10.75
CA LEU A 285 -4.70 -4.83 10.55
C LEU A 285 -5.67 -5.99 10.74
N VAL A 286 -6.92 -5.72 11.14
CA VAL A 286 -7.83 -6.82 11.53
C VAL A 286 -8.61 -7.28 10.30
N HIS A 287 -8.49 -8.58 9.94
CA HIS A 287 -9.25 -9.10 8.80
C HIS A 287 -10.75 -9.20 9.10
N ALA A 288 -11.56 -9.41 8.04
CA ALA A 288 -13.02 -9.53 8.15
C ALA A 288 -13.40 -10.69 9.07
N GLU B 22 8.04 -26.50 -31.15
CA GLU B 22 8.24 -27.20 -29.83
C GLU B 22 7.41 -26.49 -28.79
N ALA B 23 6.73 -27.28 -27.94
CA ALA B 23 5.85 -26.77 -26.92
C ALA B 23 6.70 -26.16 -25.82
N PRO B 24 6.22 -25.07 -25.17
CA PRO B 24 6.97 -24.53 -24.02
C PRO B 24 6.81 -25.47 -22.82
N ALA B 25 7.67 -25.26 -21.80
CA ALA B 25 7.59 -26.11 -20.61
C ALA B 25 7.54 -25.27 -19.34
N ALA B 26 6.87 -25.83 -18.33
CA ALA B 26 6.69 -25.09 -17.08
C ALA B 26 7.04 -25.98 -15.90
N VAL B 27 7.63 -25.39 -14.83
CA VAL B 27 7.74 -26.05 -13.53
C VAL B 27 6.66 -25.51 -12.60
N VAL B 28 5.86 -26.38 -11.98
CA VAL B 28 4.93 -25.95 -10.93
C VAL B 28 5.34 -26.62 -9.63
N THR B 29 5.61 -25.83 -8.56
CA THR B 29 5.96 -26.47 -7.30
C THR B 29 4.71 -26.84 -6.53
N GLY B 30 4.80 -27.89 -5.74
CA GLY B 30 3.64 -28.32 -4.96
C GLY B 30 2.43 -28.60 -5.85
N ALA B 31 2.66 -29.35 -6.94
CA ALA B 31 1.65 -29.48 -7.99
C ALA B 31 0.81 -30.76 -7.90
N ALA B 32 0.98 -31.57 -6.86
CA ALA B 32 0.24 -32.84 -6.83
C ALA B 32 -1.26 -32.67 -6.63
N LYS B 33 -1.67 -31.63 -5.87
CA LYS B 33 -3.04 -31.49 -5.40
CA LYS B 33 -3.08 -31.49 -5.54
C LYS B 33 -3.44 -30.02 -5.46
N ARG B 34 -4.73 -29.76 -5.27
CA ARG B 34 -5.28 -28.46 -4.91
C ARG B 34 -4.84 -27.43 -5.95
N ILE B 35 -4.38 -26.24 -5.51
CA ILE B 35 -4.17 -25.17 -6.45
C ILE B 35 -3.03 -25.50 -7.42
N GLY B 36 -1.94 -26.09 -6.91
CA GLY B 36 -0.85 -26.39 -7.81
C GLY B 36 -1.23 -27.39 -8.91
N ARG B 37 -2.08 -28.37 -8.58
CA ARG B 37 -2.56 -29.28 -9.62
C ARG B 37 -3.41 -28.49 -10.63
N ALA B 38 -4.29 -27.61 -10.14
CA ALA B 38 -5.13 -26.88 -11.08
C ALA B 38 -4.29 -26.04 -12.03
N ILE B 39 -3.20 -25.46 -11.51
CA ILE B 39 -2.30 -24.69 -12.36
C ILE B 39 -1.63 -25.60 -13.40
N ALA B 40 -1.04 -26.71 -12.93
CA ALA B 40 -0.38 -27.61 -13.89
C ALA B 40 -1.37 -28.09 -14.97
N VAL B 41 -2.58 -28.46 -14.55
CA VAL B 41 -3.60 -28.93 -15.49
C VAL B 41 -3.90 -27.83 -16.52
N LYS B 42 -4.14 -26.60 -16.05
CA LYS B 42 -4.46 -25.53 -16.99
C LYS B 42 -3.29 -25.18 -17.88
N LEU B 43 -2.05 -25.19 -17.37
CA LEU B 43 -0.91 -24.99 -18.25
C LEU B 43 -0.87 -26.09 -19.32
N HIS B 44 -1.07 -27.32 -18.89
CA HIS B 44 -1.03 -28.47 -19.79
C HIS B 44 -2.09 -28.28 -20.87
N GLN B 45 -3.28 -27.82 -20.47
CA GLN B 45 -4.41 -27.66 -21.37
C GLN B 45 -4.12 -26.54 -22.37
N THR B 46 -3.25 -25.60 -22.00
CA THR B 46 -2.83 -24.48 -22.82
C THR B 46 -1.71 -24.91 -23.75
N GLY B 47 -1.15 -26.11 -23.57
CA GLY B 47 -0.12 -26.49 -24.51
C GLY B 47 1.28 -26.63 -23.91
N TYR B 48 1.41 -26.41 -22.60
CA TYR B 48 2.71 -26.58 -21.95
C TYR B 48 2.96 -28.06 -21.62
N ARG B 49 4.25 -28.39 -21.61
CA ARG B 49 4.76 -29.57 -20.92
C ARG B 49 5.08 -29.12 -19.51
N VAL B 50 4.82 -30.02 -18.54
CA VAL B 50 4.91 -29.60 -17.14
C VAL B 50 5.77 -30.56 -16.32
N VAL B 51 6.53 -29.97 -15.39
CA VAL B 51 7.18 -30.69 -14.29
C VAL B 51 6.29 -30.53 -13.07
N ILE B 52 5.80 -31.64 -12.51
CA ILE B 52 4.92 -31.65 -11.36
C ILE B 52 5.81 -31.91 -10.14
N HIS B 53 6.22 -30.84 -9.43
CA HIS B 53 7.05 -31.00 -8.26
C HIS B 53 6.16 -31.46 -7.11
N TYR B 54 6.74 -32.28 -6.22
CA TYR B 54 6.01 -32.67 -5.03
C TYR B 54 7.04 -32.98 -3.94
N HIS B 55 6.53 -33.03 -2.71
CA HIS B 55 7.38 -33.35 -1.56
C HIS B 55 6.96 -34.74 -1.05
N ASN B 56 5.84 -34.81 -0.36
CA ASN B 56 5.37 -36.07 0.18
C ASN B 56 4.26 -36.73 -0.66
N SER B 57 3.60 -35.98 -1.58
CA SER B 57 2.40 -36.51 -2.21
C SER B 57 2.75 -37.28 -3.49
N ALA B 58 3.48 -38.40 -3.37
CA ALA B 58 4.06 -39.10 -4.51
C ALA B 58 2.95 -39.77 -5.33
N GLU B 59 1.99 -40.38 -4.64
CA GLU B 59 0.93 -41.10 -5.35
C GLU B 59 0.08 -40.09 -6.15
N ALA B 60 -0.31 -38.97 -5.51
CA ALA B 60 -1.11 -37.95 -6.19
C ALA B 60 -0.34 -37.37 -7.37
N ALA B 61 0.98 -37.15 -7.21
CA ALA B 61 1.80 -36.59 -8.27
C ALA B 61 1.88 -37.49 -9.51
N VAL B 62 2.14 -38.77 -9.23
CA VAL B 62 2.23 -39.78 -10.28
C VAL B 62 0.90 -39.94 -11.00
N SER B 63 -0.22 -39.94 -10.25
CA SER B 63 -1.56 -40.02 -10.80
C SER B 63 -1.85 -38.85 -11.74
N LEU B 64 -1.42 -37.63 -11.37
CA LEU B 64 -1.66 -36.48 -12.23
C LEU B 64 -0.84 -36.56 -13.53
N ALA B 65 0.45 -36.91 -13.41
CA ALA B 65 1.33 -37.03 -14.57
C ALA B 65 0.79 -38.07 -15.53
N ASP B 66 0.34 -39.21 -14.98
CA ASP B 66 -0.29 -40.25 -15.79
C ASP B 66 -1.49 -39.67 -16.56
N GLU B 67 -2.40 -38.95 -15.90
CA GLU B 67 -3.54 -38.36 -16.60
C GLU B 67 -3.06 -37.47 -17.75
N LEU B 68 -2.05 -36.61 -17.50
CA LEU B 68 -1.61 -35.64 -18.50
C LEU B 68 -0.91 -36.35 -19.63
N ASN B 69 -0.17 -37.41 -19.30
CA ASN B 69 0.57 -38.12 -20.35
C ASN B 69 -0.38 -38.93 -21.22
N LYS B 70 -1.50 -39.36 -20.66
CA LYS B 70 -2.51 -40.10 -21.44
C LYS B 70 -3.18 -39.13 -22.41
N GLU B 71 -3.27 -37.86 -22.02
CA GLU B 71 -3.81 -36.83 -22.90
C GLU B 71 -2.85 -36.51 -24.05
N ARG B 72 -1.55 -36.33 -23.78
CA ARG B 72 -0.53 -36.09 -24.78
C ARG B 72 0.75 -36.74 -24.24
N SER B 73 1.29 -37.72 -24.97
CA SER B 73 2.39 -38.48 -24.37
C SER B 73 3.66 -37.65 -24.20
N ASN B 74 4.39 -37.94 -23.12
CA ASN B 74 5.70 -37.34 -22.85
C ASN B 74 5.56 -35.81 -22.64
N THR B 75 4.48 -35.41 -21.97
CA THR B 75 4.28 -33.99 -21.71
C THR B 75 4.23 -33.67 -20.21
N ALA B 76 4.38 -34.67 -19.35
CA ALA B 76 4.44 -34.43 -17.91
C ALA B 76 5.49 -35.33 -17.26
N VAL B 77 6.31 -34.75 -16.37
CA VAL B 77 7.17 -35.53 -15.47
C VAL B 77 6.91 -35.12 -14.02
N VAL B 78 7.27 -36.00 -13.08
CA VAL B 78 7.29 -35.59 -11.67
C VAL B 78 8.72 -35.27 -11.23
N CYS B 79 8.85 -34.47 -10.15
CA CYS B 79 10.17 -34.20 -9.59
C CYS B 79 10.01 -34.06 -8.08
N GLN B 80 10.71 -34.88 -7.26
CA GLN B 80 10.51 -34.81 -5.82
C GLN B 80 11.56 -33.90 -5.21
N ALA B 81 11.13 -33.04 -4.26
CA ALA B 81 12.08 -32.24 -3.47
C ALA B 81 11.41 -31.67 -2.23
N ASP B 82 12.18 -31.71 -1.12
CA ASP B 82 11.87 -30.93 0.06
C ASP B 82 12.39 -29.52 -0.15
N LEU B 83 11.50 -28.53 0.06
CA LEU B 83 11.88 -27.14 -0.11
C LEU B 83 12.02 -26.45 1.25
N THR B 84 12.15 -27.19 2.34
CA THR B 84 12.57 -26.62 3.63
C THR B 84 13.95 -25.99 3.45
N ASN B 85 14.21 -24.86 4.12
CA ASN B 85 15.55 -24.28 3.97
C ASN B 85 16.60 -25.17 4.65
N SER B 86 17.77 -25.30 3.99
CA SER B 86 18.93 -25.99 4.55
C SER B 86 20.11 -25.65 3.68
N ASN B 87 21.31 -26.14 4.06
CA ASN B 87 22.48 -25.87 3.22
C ASN B 87 22.41 -26.57 1.85
N VAL B 88 21.54 -27.58 1.66
CA VAL B 88 21.42 -28.19 0.34
CA VAL B 88 21.33 -28.28 0.39
C VAL B 88 20.21 -27.66 -0.45
N LEU B 89 19.45 -26.71 0.12
CA LEU B 89 18.29 -26.21 -0.63
C LEU B 89 18.73 -25.65 -1.99
N PRO B 90 19.83 -24.88 -2.12
CA PRO B 90 20.23 -24.42 -3.44
C PRO B 90 20.42 -25.50 -4.48
N ALA B 91 21.04 -26.60 -4.07
CA ALA B 91 21.20 -27.73 -5.00
C ALA B 91 19.86 -28.35 -5.36
N SER B 92 18.94 -28.48 -4.40
CA SER B 92 17.62 -29.01 -4.69
C SER B 92 16.88 -28.15 -5.73
N CYS B 93 16.99 -26.82 -5.56
CA CYS B 93 16.26 -25.90 -6.43
C CYS B 93 16.88 -25.96 -7.82
N GLU B 94 18.22 -26.01 -7.89
CA GLU B 94 18.92 -26.15 -9.16
C GLU B 94 18.47 -27.44 -9.84
N GLU B 95 18.25 -28.51 -9.05
CA GLU B 95 17.88 -29.78 -9.65
C GLU B 95 16.45 -29.77 -10.19
N ILE B 96 15.51 -29.08 -9.52
CA ILE B 96 14.17 -28.98 -10.07
C ILE B 96 14.25 -28.29 -11.44
N ILE B 97 15.00 -27.19 -11.58
CA ILE B 97 15.04 -26.54 -12.89
C ILE B 97 15.75 -27.48 -13.87
N ASN B 98 16.85 -28.11 -13.42
CA ASN B 98 17.49 -29.08 -14.30
C ASN B 98 16.54 -30.16 -14.80
N SER B 99 15.60 -30.62 -13.96
CA SER B 99 14.66 -31.65 -14.32
C SER B 99 13.82 -31.23 -15.52
N CYS B 100 13.50 -29.93 -15.59
CA CYS B 100 12.67 -29.44 -16.67
C CYS B 100 13.51 -29.50 -17.95
N PHE B 101 14.75 -29.01 -17.88
CA PHE B 101 15.57 -29.06 -19.08
C PHE B 101 15.88 -30.50 -19.51
N ARG B 102 16.07 -31.43 -18.55
CA ARG B 102 16.33 -32.84 -18.88
C ARG B 102 15.13 -33.44 -19.63
N ALA B 103 13.92 -33.20 -19.15
CA ALA B 103 12.70 -33.76 -19.73
C ALA B 103 12.38 -33.09 -21.06
N PHE B 104 12.52 -31.76 -21.15
CA PHE B 104 11.83 -31.02 -22.20
C PHE B 104 12.77 -30.11 -22.97
N GLY B 105 14.01 -29.96 -22.52
CA GLY B 105 15.00 -29.20 -23.27
C GLY B 105 14.89 -27.68 -23.13
N ARG B 106 13.95 -27.24 -22.27
CA ARG B 106 13.75 -25.80 -22.07
C ARG B 106 12.95 -25.62 -20.78
N CYS B 107 12.92 -24.36 -20.29
CA CYS B 107 12.06 -24.08 -19.15
C CYS B 107 11.62 -22.63 -19.30
N ASP B 108 10.35 -22.45 -19.69
CA ASP B 108 9.79 -21.15 -20.06
C ASP B 108 9.12 -20.45 -18.87
N VAL B 109 8.50 -21.23 -17.99
CA VAL B 109 7.68 -20.73 -16.90
C VAL B 109 8.02 -21.44 -15.58
N LEU B 110 8.10 -20.70 -14.47
CA LEU B 110 8.21 -21.24 -13.12
C LEU B 110 7.05 -20.70 -12.31
N VAL B 111 6.28 -21.61 -11.69
CA VAL B 111 5.24 -21.19 -10.79
C VAL B 111 5.63 -21.62 -9.37
N ASN B 112 5.85 -20.63 -8.50
CA ASN B 112 6.21 -20.94 -7.12
C ASN B 112 4.93 -21.02 -6.31
N ASN B 113 4.43 -22.25 -6.14
CA ASN B 113 3.15 -22.54 -5.53
C ASN B 113 3.33 -23.26 -4.19
N ALA B 114 4.39 -24.08 -4.03
CA ALA B 114 4.50 -24.89 -2.81
C ALA B 114 4.56 -23.99 -1.58
N SER B 115 3.93 -24.43 -0.49
CA SER B 115 3.85 -23.57 0.68
C SER B 115 3.47 -24.35 1.93
N ALA B 116 4.23 -24.14 3.03
CA ALA B 116 3.83 -24.55 4.37
C ALA B 116 2.96 -23.48 5.01
N PHE B 117 1.99 -23.89 5.81
CA PHE B 117 1.05 -22.96 6.37
C PHE B 117 0.54 -23.52 7.70
N TYR B 118 0.92 -22.92 8.82
CA TYR B 118 0.49 -23.36 10.14
C TYR B 118 0.88 -22.26 11.12
N PRO B 119 0.18 -22.15 12.25
CA PRO B 119 0.48 -21.10 13.23
C PRO B 119 1.80 -21.29 13.99
N THR B 120 2.40 -20.15 14.38
CA THR B 120 3.62 -20.06 15.15
C THR B 120 3.39 -18.96 16.21
N PRO B 121 2.65 -19.25 17.30
CA PRO B 121 2.30 -18.21 18.27
C PRO B 121 3.55 -17.58 18.87
N LEU B 122 3.47 -16.27 19.13
CA LEU B 122 4.63 -15.60 19.73
C LEU B 122 4.79 -15.91 21.22
N VAL B 123 3.68 -16.17 21.93
CA VAL B 123 3.71 -16.47 23.35
C VAL B 123 3.18 -17.89 23.60
N GLN B 124 3.86 -18.65 24.48
CA GLN B 124 3.52 -20.03 24.82
C GLN B 124 2.78 -20.13 26.17
N GLY B 133 5.52 -30.12 18.47
CA GLY B 133 6.62 -31.03 18.10
C GLY B 133 7.84 -30.27 17.56
N LYS B 134 7.63 -29.37 16.60
CA LYS B 134 8.75 -28.82 15.84
C LYS B 134 9.45 -27.75 16.65
N THR B 135 10.78 -27.68 16.52
CA THR B 135 11.53 -26.57 17.10
C THR B 135 11.22 -25.31 16.29
N VAL B 136 11.45 -24.16 16.91
CA VAL B 136 11.19 -22.92 16.22
C VAL B 136 12.10 -22.84 14.98
N GLU B 137 13.30 -23.38 15.06
CA GLU B 137 14.17 -23.26 13.89
C GLU B 137 13.69 -24.15 12.75
N THR B 138 13.03 -25.29 13.05
CA THR B 138 12.38 -26.05 11.98
C THR B 138 11.20 -25.27 11.38
N GLN B 139 10.45 -24.55 12.23
CA GLN B 139 9.33 -23.76 11.72
C GLN B 139 9.86 -22.67 10.80
N VAL B 140 10.94 -22.02 11.21
CA VAL B 140 11.55 -21.02 10.35
C VAL B 140 11.98 -21.65 9.02
N ALA B 141 12.67 -22.81 9.06
CA ALA B 141 13.18 -23.39 7.83
C ALA B 141 12.01 -23.79 6.91
N GLU B 142 10.89 -24.25 7.49
CA GLU B 142 9.78 -24.69 6.66
C GLU B 142 8.96 -23.50 6.15
N LEU B 143 8.56 -22.58 7.05
CA LEU B 143 7.67 -21.49 6.65
C LEU B 143 8.42 -20.47 5.82
N ILE B 144 9.62 -20.05 6.22
CA ILE B 144 10.37 -19.10 5.39
C ILE B 144 11.02 -19.83 4.20
N GLY B 145 11.48 -21.08 4.38
CA GLY B 145 12.07 -21.84 3.28
C GLY B 145 11.09 -22.03 2.13
N THR B 146 9.94 -22.63 2.42
CA THR B 146 9.05 -22.94 1.31
C THR B 146 8.43 -21.69 0.71
N ASN B 147 8.10 -20.70 1.55
CA ASN B 147 7.32 -19.59 1.01
C ASN B 147 8.22 -18.54 0.37
N ALA B 148 9.51 -18.51 0.72
CA ALA B 148 10.34 -17.40 0.28
C ALA B 148 11.71 -17.82 -0.24
N ILE B 149 12.48 -18.59 0.56
CA ILE B 149 13.86 -18.88 0.13
C ILE B 149 13.87 -19.81 -1.09
N ALA B 150 13.06 -20.86 -1.07
CA ALA B 150 13.00 -21.74 -2.23
C ALA B 150 12.54 -20.96 -3.48
N PRO B 151 11.47 -20.12 -3.43
CA PRO B 151 11.17 -19.28 -4.60
C PRO B 151 12.37 -18.46 -5.06
N PHE B 152 13.16 -17.92 -4.10
CA PHE B 152 14.34 -17.14 -4.44
C PHE B 152 15.39 -17.98 -5.18
N LEU B 153 15.70 -19.17 -4.64
CA LEU B 153 16.74 -20.01 -5.25
C LEU B 153 16.25 -20.57 -6.58
N LEU B 154 14.97 -20.95 -6.67
CA LEU B 154 14.42 -21.40 -7.95
C LEU B 154 14.48 -20.28 -8.98
N THR B 155 14.21 -19.03 -8.53
CA THR B 155 14.31 -17.88 -9.41
C THR B 155 15.75 -17.74 -9.91
N MET B 156 16.74 -17.81 -9.02
CA MET B 156 18.16 -17.76 -9.44
C MET B 156 18.47 -18.87 -10.46
N SER B 157 18.06 -20.11 -10.19
CA SER B 157 18.36 -21.24 -11.08
C SER B 157 17.66 -21.07 -12.42
N PHE B 158 16.40 -20.61 -12.38
CA PHE B 158 15.64 -20.41 -13.62
C PHE B 158 16.35 -19.37 -14.47
N ALA B 159 16.75 -18.25 -13.86
CA ALA B 159 17.39 -17.20 -14.64
C ALA B 159 18.77 -17.60 -15.13
N GLN B 160 19.51 -18.34 -14.29
CA GLN B 160 20.87 -18.73 -14.67
C GLN B 160 20.85 -19.63 -15.92
N ARG B 161 19.82 -20.48 -16.05
CA ARG B 161 19.77 -21.45 -17.14
C ARG B 161 19.37 -20.81 -18.48
N GLN B 162 18.89 -19.57 -18.48
CA GLN B 162 18.27 -19.05 -19.71
C GLN B 162 19.29 -18.73 -20.82
N SER B 172 9.90 -16.08 -27.65
CA SER B 172 10.14 -16.47 -26.23
C SER B 172 9.30 -15.61 -25.28
N ASN B 173 8.69 -16.29 -24.32
CA ASN B 173 7.85 -15.57 -23.37
C ASN B 173 8.12 -16.18 -22.00
N LEU B 174 9.22 -15.76 -21.37
CA LEU B 174 9.68 -16.34 -20.10
C LEU B 174 9.04 -15.60 -18.93
N SER B 175 8.47 -16.35 -17.97
CA SER B 175 7.98 -15.63 -16.78
C SER B 175 7.91 -16.55 -15.57
N ILE B 176 7.86 -15.88 -14.43
CA ILE B 176 7.71 -16.53 -13.13
C ILE B 176 6.44 -16.00 -12.51
N VAL B 177 5.66 -16.87 -11.89
CA VAL B 177 4.49 -16.46 -11.13
C VAL B 177 4.61 -16.99 -9.72
N ASN B 178 4.50 -16.07 -8.75
CA ASN B 178 4.59 -16.45 -7.33
C ASN B 178 3.19 -16.46 -6.73
N LEU B 179 2.83 -17.50 -5.98
CA LEU B 179 1.53 -17.54 -5.32
C LEU B 179 1.70 -16.83 -3.97
N CYS B 180 1.05 -15.67 -3.89
CA CYS B 180 1.17 -14.74 -2.80
C CYS B 180 -0.07 -14.91 -1.91
N ASP B 181 -0.44 -13.89 -1.14
CA ASP B 181 -1.60 -14.05 -0.26
C ASP B 181 -2.25 -12.66 -0.18
N ALA B 182 -3.53 -12.55 -0.56
CA ALA B 182 -4.21 -11.24 -0.56
C ALA B 182 -4.37 -10.66 0.84
N MET B 183 -4.29 -11.49 1.87
CA MET B 183 -4.49 -11.06 3.24
C MET B 183 -3.16 -10.70 3.91
N VAL B 184 -2.09 -10.46 3.13
CA VAL B 184 -0.79 -10.23 3.78
C VAL B 184 -0.80 -9.05 4.75
N ASP B 185 -1.67 -8.05 4.51
CA ASP B 185 -1.68 -6.91 5.41
C ASP B 185 -2.83 -6.92 6.43
N GLN B 186 -3.60 -8.00 6.48
CA GLN B 186 -4.55 -8.19 7.57
C GLN B 186 -4.37 -9.65 7.98
N PRO B 187 -3.25 -9.99 8.64
CA PRO B 187 -2.85 -11.39 8.78
C PRO B 187 -3.69 -12.17 9.80
N CYS B 188 -3.68 -13.50 9.63
CA CYS B 188 -4.33 -14.39 10.59
C CYS B 188 -3.55 -14.31 11.90
N MET B 189 -4.31 -14.31 13.01
CA MET B 189 -3.78 -14.30 14.35
C MET B 189 -2.87 -15.52 14.54
N ALA B 190 -1.66 -15.27 15.05
CA ALA B 190 -0.68 -16.28 15.43
C ALA B 190 0.00 -16.94 14.24
N PHE B 191 -0.06 -16.33 13.04
CA PHE B 191 0.64 -16.84 11.86
C PHE B 191 1.84 -15.93 11.49
N SER B 192 2.63 -15.46 12.46
CA SER B 192 3.66 -14.48 12.12
CA SER B 192 3.72 -14.51 12.20
C SER B 192 4.68 -15.01 11.13
N LEU B 193 5.22 -16.21 11.32
CA LEU B 193 6.26 -16.69 10.41
C LEU B 193 5.70 -16.91 9.01
N TYR B 194 4.49 -17.48 8.91
CA TYR B 194 3.85 -17.59 7.62
C TYR B 194 3.71 -16.21 6.96
N ASN B 195 3.25 -15.24 7.72
CA ASN B 195 3.05 -13.90 7.14
C ASN B 195 4.39 -13.29 6.73
N MET B 196 5.43 -13.48 7.56
CA MET B 196 6.76 -12.97 7.18
C MET B 196 7.20 -13.56 5.84
N GLY B 197 6.99 -14.86 5.70
CA GLY B 197 7.42 -15.49 4.46
C GLY B 197 6.65 -14.99 3.25
N LYS B 198 5.34 -14.79 3.37
CA LYS B 198 4.59 -14.27 2.23
C LYS B 198 4.95 -12.80 1.94
N HIS B 199 5.24 -12.00 2.98
CA HIS B 199 5.76 -10.65 2.69
C HIS B 199 7.10 -10.74 1.98
N ALA B 200 7.96 -11.64 2.45
CA ALA B 200 9.24 -11.78 1.73
C ALA B 200 9.04 -12.13 0.26
N LEU B 201 8.00 -12.95 -0.02
CA LEU B 201 7.71 -13.33 -1.39
C LEU B 201 7.26 -12.12 -2.23
N VAL B 202 6.50 -11.18 -1.64
CA VAL B 202 6.19 -9.94 -2.36
C VAL B 202 7.50 -9.23 -2.70
N GLY B 203 8.38 -9.13 -1.70
CA GLY B 203 9.66 -8.49 -1.97
C GLY B 203 10.44 -9.16 -3.09
N LEU B 204 10.47 -10.49 -3.09
CA LEU B 204 11.16 -11.17 -4.18
C LEU B 204 10.51 -10.87 -5.51
N THR B 205 9.17 -10.89 -5.54
CA THR B 205 8.46 -10.64 -6.80
C THR B 205 8.90 -9.30 -7.38
N GLN B 206 8.94 -8.24 -6.57
CA GLN B 206 9.30 -6.91 -7.06
C GLN B 206 10.78 -6.87 -7.40
N SER B 207 11.66 -7.34 -6.49
CA SER B 207 13.08 -7.27 -6.74
C SER B 207 13.48 -8.08 -7.98
N ALA B 208 12.90 -9.28 -8.15
CA ALA B 208 13.25 -10.09 -9.30
C ALA B 208 12.68 -9.50 -10.58
N ALA B 209 11.46 -8.88 -10.51
CA ALA B 209 10.94 -8.26 -11.73
C ALA B 209 11.90 -7.19 -12.23
N LEU B 210 12.41 -6.34 -11.31
CA LEU B 210 13.34 -5.30 -11.65
CA LEU B 210 13.34 -5.30 -11.65
C LEU B 210 14.62 -5.89 -12.24
N GLU B 211 15.17 -6.90 -11.56
CA GLU B 211 16.49 -7.41 -11.92
C GLU B 211 16.45 -8.28 -13.18
N LEU B 212 15.36 -9.00 -13.42
CA LEU B 212 15.32 -9.91 -14.56
C LEU B 212 14.65 -9.31 -15.80
N ALA B 213 14.11 -8.08 -15.68
CA ALA B 213 13.52 -7.42 -16.83
C ALA B 213 14.50 -7.36 -18.01
N PRO B 214 15.81 -7.05 -17.83
CA PRO B 214 16.75 -7.03 -18.95
C PRO B 214 16.88 -8.35 -19.70
N TYR B 215 16.59 -9.48 -19.04
CA TYR B 215 16.63 -10.80 -19.66
C TYR B 215 15.29 -11.17 -20.29
N GLY B 216 14.32 -10.26 -20.22
CA GLY B 216 12.99 -10.50 -20.74
C GLY B 216 12.22 -11.53 -19.92
N ILE B 217 12.58 -11.67 -18.63
CA ILE B 217 11.82 -12.56 -17.76
C ILE B 217 10.90 -11.67 -16.94
N ARG B 218 9.59 -11.93 -17.05
CA ARG B 218 8.60 -11.18 -16.27
C ARG B 218 8.39 -11.94 -14.96
N VAL B 219 8.13 -11.20 -13.89
CA VAL B 219 7.90 -11.82 -12.59
C VAL B 219 6.69 -11.17 -11.96
N ASN B 220 5.69 -12.00 -11.68
CA ASN B 220 4.40 -11.50 -11.21
C ASN B 220 3.89 -12.41 -10.13
N GLY B 221 2.81 -11.97 -9.46
CA GLY B 221 2.19 -12.75 -8.40
C GLY B 221 0.70 -12.89 -8.59
N VAL B 222 0.14 -13.97 -8.01
CA VAL B 222 -1.30 -14.12 -7.90
C VAL B 222 -1.57 -14.30 -6.41
N ALA B 223 -2.47 -13.49 -5.88
CA ALA B 223 -2.73 -13.48 -4.44
C ALA B 223 -4.16 -13.94 -4.15
N PRO B 224 -4.39 -15.24 -3.84
CA PRO B 224 -5.72 -15.67 -3.41
C PRO B 224 -6.12 -15.09 -2.06
N GLY B 225 -7.44 -15.01 -1.82
CA GLY B 225 -7.95 -14.69 -0.50
C GLY B 225 -8.24 -16.00 0.23
N VAL B 226 -9.50 -16.39 0.17
CA VAL B 226 -9.89 -17.74 0.59
C VAL B 226 -10.12 -18.54 -0.69
N SER B 227 -9.33 -19.59 -0.87
CA SER B 227 -9.60 -20.54 -1.93
C SER B 227 -9.88 -21.87 -1.24
N LEU B 228 -9.36 -22.96 -1.79
CA LEU B 228 -9.61 -24.27 -1.19
C LEU B 228 -9.24 -24.22 0.29
N LEU B 229 -10.21 -24.48 1.15
CA LEU B 229 -9.92 -24.52 2.56
C LEU B 229 -9.13 -25.77 2.91
N PRO B 230 -8.39 -25.74 4.04
CA PRO B 230 -7.56 -26.88 4.42
C PRO B 230 -8.43 -28.14 4.58
N VAL B 231 -7.86 -29.27 4.16
CA VAL B 231 -8.60 -30.53 4.15
C VAL B 231 -9.01 -30.89 5.59
N ALA B 232 -8.19 -30.51 6.59
CA ALA B 232 -8.54 -30.82 7.97
C ALA B 232 -9.62 -29.91 8.54
N MET B 233 -10.01 -28.83 7.85
CA MET B 233 -10.97 -27.90 8.43
C MET B 233 -12.39 -28.47 8.39
N GLY B 234 -13.14 -28.29 9.49
CA GLY B 234 -14.54 -28.71 9.54
C GLY B 234 -15.42 -27.78 8.72
N GLU B 235 -16.61 -28.27 8.33
CA GLU B 235 -17.50 -27.52 7.47
C GLU B 235 -17.94 -26.20 8.12
N GLU B 236 -18.23 -26.21 9.43
CA GLU B 236 -18.70 -25.01 10.11
C GLU B 236 -17.62 -23.92 10.03
N GLU B 237 -16.34 -24.31 10.19
CA GLU B 237 -15.26 -23.34 10.18
C GLU B 237 -15.04 -22.85 8.74
N LYS B 238 -15.17 -23.77 7.76
CA LYS B 238 -15.13 -23.39 6.35
C LYS B 238 -16.23 -22.35 6.06
N ASP B 239 -17.45 -22.58 6.55
CA ASP B 239 -18.52 -21.64 6.26
C ASP B 239 -18.28 -20.26 6.90
N LYS B 240 -17.58 -20.21 8.05
CA LYS B 240 -17.23 -18.94 8.65
C LYS B 240 -16.41 -18.11 7.65
N TRP B 241 -15.48 -18.77 6.96
CA TRP B 241 -14.60 -18.06 6.02
C TRP B 241 -15.39 -17.68 4.76
N ARG B 242 -16.21 -18.63 4.28
CA ARG B 242 -17.02 -18.37 3.09
C ARG B 242 -17.91 -17.13 3.27
N ARG B 243 -18.51 -16.97 4.46
CA ARG B 243 -19.45 -15.89 4.69
C ARG B 243 -18.77 -14.50 4.64
N LYS B 244 -17.45 -14.45 4.74
CA LYS B 244 -16.71 -13.18 4.77
C LYS B 244 -16.59 -12.62 3.34
N VAL B 245 -16.76 -13.45 2.31
CA VAL B 245 -16.33 -13.04 0.97
C VAL B 245 -17.44 -12.24 0.31
N PRO B 246 -17.24 -10.95 -0.04
CA PRO B 246 -18.30 -10.17 -0.68
C PRO B 246 -18.84 -10.76 -1.97
N LEU B 247 -17.97 -11.26 -2.84
CA LEU B 247 -18.40 -11.72 -4.15
C LEU B 247 -18.81 -13.19 -4.05
N GLY B 248 -20.09 -13.40 -3.68
CA GLY B 248 -20.73 -14.70 -3.72
C GLY B 248 -20.62 -15.51 -2.43
N ARG B 249 -19.94 -14.99 -1.39
CA ARG B 249 -19.89 -15.69 -0.10
C ARG B 249 -19.44 -17.12 -0.30
N ARG B 250 -18.38 -17.29 -1.10
CA ARG B 250 -17.81 -18.60 -1.36
C ARG B 250 -16.33 -18.42 -1.67
N GLU B 251 -15.57 -19.49 -1.43
CA GLU B 251 -14.15 -19.52 -1.72
C GLU B 251 -13.94 -19.58 -3.23
N ALA B 252 -12.76 -19.11 -3.66
CA ALA B 252 -12.30 -19.27 -5.04
C ALA B 252 -12.11 -20.76 -5.32
N SER B 253 -12.56 -21.18 -6.50
CA SER B 253 -12.17 -22.50 -6.96
C SER B 253 -10.70 -22.51 -7.33
N ALA B 254 -10.11 -23.72 -7.31
CA ALA B 254 -8.73 -23.82 -7.73
C ALA B 254 -8.59 -23.30 -9.16
N GLU B 255 -9.57 -23.60 -10.02
CA GLU B 255 -9.45 -23.14 -11.40
C GLU B 255 -9.43 -21.61 -11.50
N GLN B 256 -10.21 -20.93 -10.65
CA GLN B 256 -10.19 -19.47 -10.70
C GLN B 256 -8.80 -18.90 -10.38
N ILE B 257 -8.08 -19.52 -9.43
CA ILE B 257 -6.70 -19.08 -9.17
C ILE B 257 -5.84 -19.36 -10.40
N ALA B 258 -5.98 -20.59 -10.97
CA ALA B 258 -5.17 -20.96 -12.12
C ALA B 258 -5.41 -20.02 -13.32
N ASP B 259 -6.68 -19.58 -13.49
CA ASP B 259 -6.98 -18.65 -14.59
C ASP B 259 -6.13 -17.36 -14.53
N ALA B 260 -5.80 -16.87 -13.32
CA ALA B 260 -5.03 -15.64 -13.24
C ALA B 260 -3.56 -15.97 -13.58
N VAL B 261 -3.10 -17.15 -13.15
CA VAL B 261 -1.74 -17.57 -13.51
C VAL B 261 -1.59 -17.69 -15.04
N ILE B 262 -2.58 -18.32 -15.67
CA ILE B 262 -2.59 -18.50 -17.12
C ILE B 262 -2.54 -17.15 -17.83
N PHE B 263 -3.31 -16.16 -17.32
CA PHE B 263 -3.25 -14.83 -17.92
C PHE B 263 -1.84 -14.25 -17.81
N LEU B 264 -1.22 -14.33 -16.63
CA LEU B 264 0.09 -13.71 -16.44
C LEU B 264 1.22 -14.36 -17.23
N VAL B 265 1.07 -15.65 -17.57
CA VAL B 265 2.13 -16.23 -18.39
C VAL B 265 1.87 -16.04 -19.89
N SER B 266 0.67 -15.61 -20.25
CA SER B 266 0.24 -15.47 -21.65
C SER B 266 0.83 -14.25 -22.35
N GLY B 267 0.72 -14.24 -23.70
CA GLY B 267 1.08 -13.07 -24.46
C GLY B 267 0.17 -11.85 -24.21
N SER B 268 -0.97 -12.02 -23.55
CA SER B 268 -1.81 -10.90 -23.19
C SER B 268 -1.28 -10.13 -21.98
N ALA B 269 -0.18 -10.63 -21.35
CA ALA B 269 0.43 -9.96 -20.21
C ALA B 269 1.87 -9.56 -20.48
N GLN B 270 2.24 -9.40 -21.76
CA GLN B 270 3.60 -9.17 -22.24
CA GLN B 270 3.66 -9.30 -22.04
C GLN B 270 4.29 -7.96 -21.61
N TYR B 271 3.48 -6.94 -21.20
CA TYR B 271 4.10 -5.75 -20.64
C TYR B 271 3.97 -5.74 -19.11
N ILE B 272 3.41 -6.80 -18.51
CA ILE B 272 3.17 -6.83 -17.07
C ILE B 272 4.34 -7.53 -16.38
N THR B 273 4.95 -6.78 -15.45
CA THR B 273 5.97 -7.35 -14.59
C THR B 273 5.93 -6.60 -13.27
N GLY B 274 6.17 -7.35 -12.21
CA GLY B 274 6.18 -6.83 -10.86
C GLY B 274 4.77 -6.60 -10.31
N SER B 275 3.73 -7.16 -10.95
CA SER B 275 2.34 -6.99 -10.57
C SER B 275 1.86 -8.18 -9.75
N ILE B 276 1.03 -7.91 -8.73
CA ILE B 276 0.43 -8.99 -7.99
C ILE B 276 -1.08 -8.87 -8.11
N ILE B 277 -1.72 -9.84 -8.76
CA ILE B 277 -3.16 -9.76 -8.99
C ILE B 277 -3.87 -10.46 -7.84
N LYS B 278 -4.71 -9.71 -7.11
CA LYS B 278 -5.52 -10.30 -6.06
C LYS B 278 -6.64 -11.05 -6.77
N VAL B 279 -6.90 -12.28 -6.31
CA VAL B 279 -8.03 -13.07 -6.71
C VAL B 279 -8.75 -13.49 -5.44
N ASP B 280 -9.52 -12.56 -4.88
CA ASP B 280 -10.00 -12.71 -3.53
C ASP B 280 -11.47 -12.36 -3.33
N GLY B 281 -12.19 -12.11 -4.42
CA GLY B 281 -13.62 -11.87 -4.28
C GLY B 281 -13.94 -10.67 -3.41
N GLY B 282 -12.97 -9.72 -3.27
CA GLY B 282 -13.19 -8.54 -2.45
C GLY B 282 -12.81 -8.73 -0.97
N LEU B 283 -12.32 -9.92 -0.57
CA LEU B 283 -12.12 -10.21 0.85
C LEU B 283 -11.23 -9.17 1.55
N SER B 284 -10.15 -8.77 0.88
CA SER B 284 -9.17 -7.89 1.52
C SER B 284 -9.73 -6.48 1.69
N LEU B 285 -10.88 -6.17 1.06
CA LEU B 285 -11.44 -4.85 1.25
C LEU B 285 -12.38 -4.76 2.46
N VAL B 286 -12.65 -5.88 3.13
CA VAL B 286 -13.70 -5.92 4.14
C VAL B 286 -13.11 -5.54 5.52
N HIS B 287 -13.66 -4.50 6.16
CA HIS B 287 -13.10 -4.16 7.48
C HIS B 287 -13.53 -5.15 8.58
N ALA B 288 -12.87 -5.01 9.74
CA ALA B 288 -13.18 -5.77 10.94
C ALA B 288 -14.67 -5.65 11.29
N GLU C 22 10.87 2.91 39.38
CA GLU C 22 12.22 2.86 38.76
CA GLU C 22 12.21 2.86 38.75
C GLU C 22 12.15 3.37 37.30
N ALA C 23 13.33 3.57 36.70
CA ALA C 23 13.42 3.99 35.31
C ALA C 23 13.06 2.80 34.41
N PRO C 24 12.42 3.03 33.24
CA PRO C 24 12.21 1.92 32.32
C PRO C 24 13.55 1.54 31.68
N ALA C 25 13.54 0.39 30.98
CA ALA C 25 14.74 -0.19 30.39
C ALA C 25 14.48 -0.56 28.93
N ALA C 26 15.52 -0.37 28.09
CA ALA C 26 15.36 -0.67 26.65
C ALA C 26 16.53 -1.52 26.16
N VAL C 27 16.25 -2.42 25.22
CA VAL C 27 17.28 -3.13 24.48
C VAL C 27 17.40 -2.52 23.09
N VAL C 28 18.61 -2.15 22.66
CA VAL C 28 18.79 -1.70 21.29
C VAL C 28 19.80 -2.63 20.63
N THR C 29 19.41 -3.29 19.54
CA THR C 29 20.34 -4.17 18.84
C THR C 29 21.21 -3.40 17.87
N GLY C 30 22.45 -3.86 17.67
CA GLY C 30 23.35 -3.12 16.80
C GLY C 30 23.56 -1.67 17.27
N ALA C 31 23.78 -1.46 18.57
CA ALA C 31 23.73 -0.13 19.18
C ALA C 31 25.11 0.53 19.31
N ALA C 32 26.18 -0.08 18.79
CA ALA C 32 27.50 0.50 19.02
C ALA C 32 27.78 1.70 18.13
N LYS C 33 27.12 1.76 16.96
CA LYS C 33 27.48 2.77 15.99
C LYS C 33 26.25 3.32 15.28
N ARG C 34 26.44 4.49 14.65
CA ARG C 34 25.50 4.93 13.62
C ARG C 34 24.10 5.07 14.22
N ILE C 35 23.07 4.55 13.52
CA ILE C 35 21.69 4.80 13.95
C ILE C 35 21.40 4.17 15.31
N GLY C 36 21.84 2.90 15.51
CA GLY C 36 21.55 2.25 16.79
C GLY C 36 22.16 3.03 17.96
N ARG C 37 23.36 3.59 17.76
CA ARG C 37 24.00 4.35 18.84
C ARG C 37 23.19 5.61 19.13
N ALA C 38 22.73 6.32 18.06
CA ALA C 38 21.94 7.51 18.29
C ALA C 38 20.64 7.18 19.01
N ILE C 39 20.01 6.04 18.68
CA ILE C 39 18.83 5.60 19.39
C ILE C 39 19.10 5.31 20.87
N ALA C 40 20.20 4.59 21.15
CA ALA C 40 20.54 4.32 22.56
C ALA C 40 20.78 5.61 23.32
N VAL C 41 21.49 6.55 22.68
CA VAL C 41 21.78 7.82 23.35
C VAL C 41 20.50 8.58 23.66
N LYS C 42 19.59 8.71 22.64
CA LYS C 42 18.37 9.45 22.88
C LYS C 42 17.47 8.74 23.89
N LEU C 43 17.39 7.39 23.88
CA LEU C 43 16.58 6.71 24.90
C LEU C 43 17.16 7.03 26.30
N HIS C 44 18.49 6.95 26.38
CA HIS C 44 19.14 7.20 27.67
C HIS C 44 18.85 8.63 28.14
N GLN C 45 18.91 9.62 27.24
CA GLN C 45 18.61 11.01 27.56
C GLN C 45 17.16 11.20 28.01
N THR C 46 16.26 10.31 27.56
CA THR C 46 14.85 10.34 27.89
C THR C 46 14.64 9.72 29.27
N GLY C 47 15.67 9.06 29.80
CA GLY C 47 15.56 8.48 31.12
C GLY C 47 15.59 6.96 31.14
N TYR C 48 15.75 6.30 29.98
CA TYR C 48 15.84 4.84 29.97
C TYR C 48 17.21 4.33 30.43
N ARG C 49 17.21 3.14 31.07
CA ARG C 49 18.42 2.34 31.18
C ARG C 49 18.51 1.49 29.91
N VAL C 50 19.72 1.24 29.40
CA VAL C 50 19.86 0.65 28.06
C VAL C 50 20.80 -0.54 28.06
N VAL C 51 20.38 -1.57 27.31
CA VAL C 51 21.28 -2.67 26.93
C VAL C 51 21.76 -2.38 25.52
N ILE C 52 23.08 -2.22 25.40
CA ILE C 52 23.73 -1.94 24.13
C ILE C 52 24.21 -3.26 23.53
N HIS C 53 23.45 -3.80 22.58
CA HIS C 53 23.86 -5.03 21.93
C HIS C 53 24.89 -4.76 20.84
N TYR C 54 25.84 -5.69 20.71
CA TYR C 54 26.83 -5.64 19.66
C TYR C 54 27.22 -7.06 19.21
N HIS C 55 27.80 -7.14 18.01
CA HIS C 55 28.31 -8.40 17.50
C HIS C 55 29.83 -8.27 17.46
N ASN C 56 30.34 -7.45 16.57
CA ASN C 56 31.79 -7.34 16.41
C ASN C 56 32.32 -6.06 17.07
N SER C 57 31.46 -5.10 17.44
CA SER C 57 31.98 -3.78 17.81
C SER C 57 32.06 -3.60 19.33
N ALA C 58 32.86 -4.46 20.00
CA ALA C 58 32.94 -4.41 21.45
C ALA C 58 33.50 -3.09 21.97
N GLU C 59 34.57 -2.59 21.31
CA GLU C 59 35.23 -1.40 21.82
C GLU C 59 34.28 -0.19 21.77
N ALA C 60 33.59 -0.02 20.63
CA ALA C 60 32.57 1.01 20.48
C ALA C 60 31.39 0.83 21.44
N ALA C 61 30.91 -0.40 21.66
CA ALA C 61 29.82 -0.63 22.59
C ALA C 61 30.22 -0.17 23.99
N VAL C 62 31.42 -0.58 24.39
CA VAL C 62 31.87 -0.24 25.73
C VAL C 62 32.10 1.26 25.89
N SER C 63 32.66 1.91 24.83
CA SER C 63 32.84 3.35 24.82
CA SER C 63 32.83 3.35 24.81
C SER C 63 31.49 4.07 25.04
N LEU C 64 30.42 3.60 24.37
CA LEU C 64 29.12 4.21 24.59
C LEU C 64 28.61 3.96 26.01
N ALA C 65 28.70 2.72 26.49
CA ALA C 65 28.24 2.43 27.84
C ALA C 65 29.03 3.30 28.83
N ASP C 66 30.33 3.44 28.62
CA ASP C 66 31.11 4.31 29.53
C ASP C 66 30.58 5.75 29.53
N GLU C 67 30.25 6.29 28.35
CA GLU C 67 29.69 7.63 28.22
C GLU C 67 28.36 7.76 28.93
N LEU C 68 27.45 6.77 28.79
CA LEU C 68 26.13 6.87 29.39
C LEU C 68 26.21 6.70 30.92
N ASN C 69 27.08 5.81 31.39
CA ASN C 69 27.20 5.56 32.82
C ASN C 69 27.89 6.73 33.56
N LYS C 70 28.74 7.46 32.85
CA LYS C 70 29.30 8.69 33.42
C LYS C 70 28.18 9.71 33.65
N GLU C 71 27.14 9.75 32.79
CA GLU C 71 25.99 10.62 33.00
CA GLU C 71 25.98 10.61 32.98
C GLU C 71 25.16 10.12 34.17
N ARG C 72 24.90 8.80 34.22
CA ARG C 72 24.06 8.24 35.27
C ARG C 72 24.57 6.83 35.58
N SER C 73 25.07 6.63 36.80
CA SER C 73 25.70 5.36 37.15
C SER C 73 24.80 4.15 36.92
N ASN C 74 25.40 3.09 36.35
CA ASN C 74 24.79 1.77 36.29
C ASN C 74 23.49 1.85 35.49
N THR C 75 23.50 2.66 34.44
CA THR C 75 22.31 2.76 33.60
C THR C 75 22.56 2.23 32.17
N ALA C 76 23.73 1.67 31.88
CA ALA C 76 23.98 1.10 30.55
C ALA C 76 24.85 -0.15 30.73
N VAL C 77 24.47 -1.26 30.08
CA VAL C 77 25.29 -2.46 29.99
C VAL C 77 25.41 -2.86 28.52
N VAL C 78 26.42 -3.69 28.21
CA VAL C 78 26.59 -4.23 26.88
C VAL C 78 26.22 -5.71 26.86
N CYS C 79 25.91 -6.19 25.64
CA CYS C 79 25.51 -7.57 25.48
C CYS C 79 25.95 -8.02 24.09
N GLN C 80 26.80 -9.06 24.05
CA GLN C 80 27.35 -9.57 22.80
C GLN C 80 26.46 -10.68 22.23
N ALA C 81 26.17 -10.62 20.92
CA ALA C 81 25.52 -11.76 20.26
C ALA C 81 25.64 -11.66 18.75
N ASP C 82 25.87 -12.80 18.08
CA ASP C 82 25.67 -12.87 16.64
C ASP C 82 24.19 -13.10 16.39
N LEU C 83 23.61 -12.33 15.46
CA LEU C 83 22.21 -12.43 15.13
C LEU C 83 21.98 -13.12 13.76
N THR C 84 23.04 -13.70 13.20
CA THR C 84 22.91 -14.62 12.06
C THR C 84 21.95 -15.75 12.42
N ASN C 85 21.07 -16.15 11.50
CA ASN C 85 20.25 -17.32 11.83
C ASN C 85 21.11 -18.60 11.94
N SER C 86 20.81 -19.41 12.97
CA SER C 86 21.46 -20.71 13.22
C SER C 86 20.64 -21.46 14.24
N ASN C 87 21.10 -22.70 14.53
CA ASN C 87 20.51 -23.53 15.59
C ASN C 87 20.49 -22.86 16.96
N VAL C 88 21.46 -21.96 17.21
CA VAL C 88 21.56 -21.29 18.51
C VAL C 88 20.93 -19.90 18.54
N LEU C 89 20.46 -19.39 17.39
CA LEU C 89 19.91 -18.03 17.45
C LEU C 89 18.80 -17.86 18.50
N PRO C 90 17.81 -18.78 18.66
CA PRO C 90 16.79 -18.57 19.67
C PRO C 90 17.40 -18.38 21.05
N ALA C 91 18.38 -19.22 21.40
CA ALA C 91 18.98 -19.04 22.73
C ALA C 91 19.70 -17.71 22.84
N SER C 92 20.36 -17.25 21.77
CA SER C 92 21.05 -15.96 21.81
C SER C 92 20.07 -14.82 22.07
N CYS C 93 18.91 -14.90 21.43
CA CYS C 93 17.92 -13.85 21.50
C CYS C 93 17.31 -13.85 22.88
N GLU C 94 17.03 -15.04 23.43
CA GLU C 94 16.50 -15.12 24.78
C GLU C 94 17.50 -14.51 25.79
N GLU C 95 18.79 -14.75 25.57
CA GLU C 95 19.83 -14.19 26.42
C GLU C 95 19.94 -12.67 26.32
N ILE C 96 19.72 -12.07 25.13
CA ILE C 96 19.69 -10.60 25.06
C ILE C 96 18.58 -10.05 25.94
N ILE C 97 17.38 -10.62 25.84
CA ILE C 97 16.27 -10.15 26.65
C ILE C 97 16.57 -10.38 28.14
N ASN C 98 17.17 -11.55 28.41
CA ASN C 98 17.50 -11.89 29.79
C ASN C 98 18.49 -10.88 30.36
N SER C 99 19.44 -10.43 29.54
CA SER C 99 20.44 -9.50 30.02
CA SER C 99 20.44 -9.50 30.02
C SER C 99 19.80 -8.21 30.52
N CYS C 100 18.69 -7.77 29.87
CA CYS C 100 18.00 -6.59 30.30
C CYS C 100 17.34 -6.80 31.67
N PHE C 101 16.67 -7.95 31.82
CA PHE C 101 16.03 -8.23 33.10
C PHE C 101 17.08 -8.38 34.22
N ARG C 102 18.23 -8.95 33.88
CA ARG C 102 19.26 -9.13 34.90
C ARG C 102 19.82 -7.79 35.37
N ALA C 103 20.11 -6.92 34.42
CA ALA C 103 20.73 -5.64 34.76
C ALA C 103 19.72 -4.72 35.45
N PHE C 104 18.45 -4.74 34.99
CA PHE C 104 17.53 -3.66 35.32
C PHE C 104 16.21 -4.12 35.93
N GLY C 105 15.92 -5.41 35.86
CA GLY C 105 14.74 -5.95 36.52
C GLY C 105 13.48 -5.82 35.68
N ARG C 106 13.62 -5.35 34.43
CA ARG C 106 12.44 -5.11 33.61
C ARG C 106 12.96 -4.86 32.19
N CYS C 107 12.05 -4.92 31.20
CA CYS C 107 12.44 -4.60 29.83
C CYS C 107 11.18 -4.06 29.18
N ASP C 108 11.20 -2.75 28.95
CA ASP C 108 10.02 -2.02 28.52
C ASP C 108 10.00 -1.88 26.99
N VAL C 109 11.18 -1.75 26.38
CA VAL C 109 11.29 -1.36 24.98
C VAL C 109 12.35 -2.25 24.34
N LEU C 110 12.03 -2.73 23.12
CA LEU C 110 12.94 -3.48 22.27
C LEU C 110 13.05 -2.70 20.97
N VAL C 111 14.27 -2.35 20.58
CA VAL C 111 14.48 -1.71 19.28
C VAL C 111 15.29 -2.68 18.44
N ASN C 112 14.70 -3.19 17.32
CA ASN C 112 15.38 -4.12 16.42
C ASN C 112 16.02 -3.27 15.33
N ASN C 113 17.28 -2.94 15.56
CA ASN C 113 18.03 -2.06 14.70
C ASN C 113 19.11 -2.81 13.92
N ALA C 114 19.71 -3.86 14.51
CA ALA C 114 20.83 -4.56 13.85
C ALA C 114 20.42 -5.05 12.46
N SER C 115 21.36 -4.91 11.50
CA SER C 115 20.97 -5.27 10.14
C SER C 115 22.20 -5.51 9.28
N ALA C 116 22.19 -6.59 8.51
CA ALA C 116 23.16 -6.80 7.46
C ALA C 116 22.62 -6.22 6.15
N PHE C 117 23.53 -5.69 5.32
CA PHE C 117 23.12 -4.98 4.13
C PHE C 117 24.19 -5.15 3.06
N TYR C 118 23.88 -5.91 2.02
CA TYR C 118 24.79 -6.08 0.89
C TYR C 118 24.06 -6.78 -0.24
N PRO C 119 24.55 -6.65 -1.49
CA PRO C 119 23.83 -7.20 -2.65
C PRO C 119 24.00 -8.71 -2.77
N THR C 120 22.98 -9.31 -3.43
CA THR C 120 22.90 -10.73 -3.68
C THR C 120 22.32 -10.89 -5.08
N PRO C 121 23.15 -10.73 -6.14
CA PRO C 121 22.62 -10.81 -7.52
C PRO C 121 21.97 -12.15 -7.79
N LEU C 122 20.89 -12.11 -8.63
CA LEU C 122 20.19 -13.35 -8.94
C LEU C 122 20.93 -14.17 -10.00
N VAL C 123 21.71 -13.49 -10.85
CA VAL C 123 22.46 -14.14 -11.93
C VAL C 123 23.95 -13.90 -11.68
N GLN C 124 24.76 -14.99 -11.70
CA GLN C 124 26.20 -14.90 -11.50
C GLN C 124 26.90 -14.52 -12.81
N LYS C 134 31.07 -15.68 0.38
CA LYS C 134 29.97 -16.26 1.18
C LYS C 134 29.08 -17.12 0.29
N THR C 135 28.71 -18.30 0.77
CA THR C 135 27.71 -19.10 0.08
C THR C 135 26.35 -18.37 0.16
N VAL C 136 25.48 -18.72 -0.79
CA VAL C 136 24.17 -18.09 -0.79
CA VAL C 136 24.15 -18.14 -0.82
C VAL C 136 23.45 -18.43 0.51
N GLU C 137 23.67 -19.63 1.05
CA GLU C 137 22.93 -19.94 2.27
C GLU C 137 23.47 -19.19 3.51
N THR C 138 24.75 -18.84 3.47
CA THR C 138 25.28 -17.92 4.48
C THR C 138 24.63 -16.53 4.36
N GLN C 139 24.50 -16.06 3.11
CA GLN C 139 23.84 -14.77 2.89
C GLN C 139 22.39 -14.84 3.37
N VAL C 140 21.70 -15.95 3.12
CA VAL C 140 20.35 -16.09 3.68
C VAL C 140 20.39 -15.92 5.20
N ALA C 141 21.27 -16.68 5.85
CA ALA C 141 21.33 -16.67 7.30
C ALA C 141 21.65 -15.26 7.82
N GLU C 142 22.48 -14.48 7.13
CA GLU C 142 22.78 -13.15 7.61
C GLU C 142 21.65 -12.17 7.28
N LEU C 143 21.24 -12.08 6.01
CA LEU C 143 20.31 -11.06 5.55
C LEU C 143 18.93 -11.35 6.11
N ILE C 144 18.46 -12.60 6.01
CA ILE C 144 17.15 -12.89 6.54
C ILE C 144 17.25 -13.11 8.05
N GLY C 145 18.37 -13.57 8.60
N GLY C 145 18.21 -13.98 8.38
CA GLY C 145 18.54 -13.68 10.05
CA GLY C 145 18.44 -14.41 9.73
C GLY C 145 18.53 -12.35 10.80
C GLY C 145 18.51 -13.19 10.63
N THR C 146 19.46 -11.44 10.47
N THR C 146 19.43 -12.29 10.33
CA THR C 146 19.50 -10.19 11.19
CA THR C 146 19.68 -11.15 11.22
C THR C 146 18.25 -9.35 10.95
C THR C 146 18.59 -10.10 11.05
N ASN C 147 17.76 -9.30 9.69
N ASN C 147 18.17 -9.88 9.79
CA ASN C 147 16.68 -8.36 9.41
CA ASN C 147 17.31 -8.76 9.49
C ASN C 147 15.29 -8.87 9.77
C ASN C 147 15.86 -9.03 9.92
N ALA C 148 15.10 -10.20 9.93
N ALA C 148 15.44 -10.31 9.93
CA ALA C 148 13.76 -10.71 10.15
CA ALA C 148 14.03 -10.62 10.13
C ALA C 148 13.68 -11.77 11.25
C ALA C 148 13.80 -11.68 11.23
N ILE C 149 14.57 -12.78 11.19
CA ILE C 149 14.41 -13.88 12.14
C ILE C 149 14.82 -13.46 13.55
N ALA C 150 15.95 -12.77 13.66
CA ALA C 150 16.33 -12.33 15.01
C ALA C 150 15.27 -11.39 15.60
N PRO C 151 14.72 -10.38 14.85
CA PRO C 151 13.62 -9.57 15.38
C PRO C 151 12.44 -10.42 15.81
N PHE C 152 12.16 -11.51 15.05
CA PHE C 152 11.05 -12.39 15.42
C PHE C 152 11.34 -13.09 16.76
N LEU C 153 12.55 -13.62 16.90
CA LEU C 153 12.89 -14.38 18.11
C LEU C 153 12.99 -13.43 19.31
N LEU C 154 13.56 -12.23 19.08
CA LEU C 154 13.62 -11.26 20.17
C LEU C 154 12.22 -10.84 20.58
N THR C 155 11.31 -10.69 19.60
CA THR C 155 9.93 -10.35 19.89
C THR C 155 9.27 -11.42 20.75
N MET C 156 9.49 -12.69 20.38
CA MET C 156 8.94 -13.80 21.16
CA MET C 156 8.96 -13.81 21.15
C MET C 156 9.46 -13.75 22.60
N SER C 157 10.78 -13.57 22.76
CA SER C 157 11.39 -13.57 24.09
C SER C 157 10.91 -12.38 24.92
N PHE C 158 10.84 -11.20 24.28
CA PHE C 158 10.36 -9.99 24.94
C PHE C 158 8.94 -10.20 25.45
N ALA C 159 8.08 -10.79 24.60
CA ALA C 159 6.67 -10.97 24.96
C ALA C 159 6.54 -12.04 26.05
N GLN C 160 7.34 -13.11 25.95
CA GLN C 160 7.25 -14.21 26.90
C GLN C 160 7.54 -13.72 28.33
N ARG C 161 8.46 -12.77 28.44
N ARG C 161 8.44 -12.76 28.49
CA ARG C 161 8.80 -12.19 29.74
CA ARG C 161 8.70 -12.21 29.82
C ARG C 161 7.74 -11.16 30.20
C ARG C 161 7.48 -11.44 30.34
N GLN C 162 6.67 -10.91 29.43
CA GLN C 162 5.58 -10.06 29.92
CA GLN C 162 5.56 -10.04 29.80
C GLN C 162 4.24 -10.82 29.88
N THR C 170 -1.80 -1.71 34.85
CA THR C 170 -0.45 -1.16 35.16
C THR C 170 -0.30 0.21 34.49
N SER C 171 0.77 0.94 34.87
CA SER C 171 1.15 2.19 34.22
C SER C 171 2.17 1.93 33.10
N SER C 172 2.38 0.65 32.76
CA SER C 172 3.46 0.22 31.86
C SER C 172 3.25 0.78 30.44
N ASN C 173 4.37 1.01 29.73
CA ASN C 173 4.27 1.45 28.34
C ASN C 173 5.26 0.61 27.54
N LEU C 174 4.80 -0.60 27.20
CA LEU C 174 5.70 -1.58 26.57
C LEU C 174 5.60 -1.40 25.05
N SER C 175 6.74 -1.44 24.38
CA SER C 175 6.62 -1.39 22.92
C SER C 175 7.89 -1.88 22.27
N ILE C 176 7.73 -2.24 20.99
CA ILE C 176 8.82 -2.68 20.15
C ILE C 176 8.84 -1.78 18.91
N VAL C 177 10.05 -1.37 18.52
CA VAL C 177 10.22 -0.59 17.30
C VAL C 177 11.19 -1.34 16.40
N ASN C 178 10.76 -1.57 15.16
CA ASN C 178 11.56 -2.26 14.17
C ASN C 178 12.09 -1.28 13.14
N LEU C 179 13.38 -1.33 12.85
CA LEU C 179 13.92 -0.43 11.84
C LEU C 179 13.75 -1.06 10.46
N CYS C 180 12.91 -0.40 9.68
CA CYS C 180 12.38 -0.89 8.41
C CYS C 180 13.12 -0.13 7.31
N ASP C 181 12.54 0.00 6.11
CA ASP C 181 13.28 0.68 5.03
C ASP C 181 12.23 1.33 4.13
N ALA C 182 12.32 2.66 3.98
CA ALA C 182 11.29 3.37 3.23
C ALA C 182 11.31 2.95 1.75
N MET C 183 12.42 2.39 1.27
CA MET C 183 12.45 2.00 -0.13
C MET C 183 12.06 0.55 -0.39
N VAL C 184 11.26 -0.06 0.50
CA VAL C 184 10.98 -1.49 0.32
C VAL C 184 10.27 -1.75 -1.01
N ASP C 185 9.44 -0.79 -1.45
CA ASP C 185 8.70 -1.01 -2.69
C ASP C 185 9.35 -0.49 -3.96
N GLN C 186 10.54 0.12 -3.86
CA GLN C 186 11.33 0.53 -5.03
C GLN C 186 12.77 0.13 -4.74
N PRO C 187 13.04 -1.18 -4.71
CA PRO C 187 14.27 -1.67 -4.07
C PRO C 187 15.52 -1.37 -4.93
N CYS C 188 16.67 -1.39 -4.26
CA CYS C 188 17.95 -1.29 -4.94
C CYS C 188 18.18 -2.53 -5.79
N MET C 189 18.72 -2.31 -6.98
CA MET C 189 19.04 -3.36 -7.94
C MET C 189 20.00 -4.36 -7.30
N ALA C 190 19.68 -5.65 -7.40
CA ALA C 190 20.56 -6.73 -6.98
C ALA C 190 20.56 -6.92 -5.46
N PHE C 191 19.60 -6.32 -4.75
CA PHE C 191 19.45 -6.50 -3.30
C PHE C 191 18.23 -7.35 -2.95
N SER C 192 18.00 -8.49 -3.63
CA SER C 192 16.77 -9.27 -3.44
CA SER C 192 16.76 -9.23 -3.42
C SER C 192 16.67 -9.78 -2.00
N LEU C 193 17.72 -10.41 -1.48
CA LEU C 193 17.57 -11.06 -0.16
CA LEU C 193 17.61 -11.05 -0.17
C LEU C 193 17.42 -9.99 0.91
N TYR C 194 18.18 -8.89 0.83
CA TYR C 194 18.00 -7.79 1.77
C TYR C 194 16.54 -7.31 1.71
N ASN C 195 16.05 -7.07 0.51
CA ASN C 195 14.68 -6.58 0.35
C ASN C 195 13.68 -7.59 0.92
N MET C 196 13.89 -8.89 0.66
CA MET C 196 12.99 -9.90 1.22
C MET C 196 12.97 -9.81 2.76
N GLY C 197 14.16 -9.65 3.37
CA GLY C 197 14.27 -9.53 4.82
C GLY C 197 13.51 -8.31 5.36
N LYS C 198 13.64 -7.18 4.69
CA LYS C 198 12.93 -5.99 5.17
C LYS C 198 11.43 -6.12 4.95
N HIS C 199 11.02 -6.80 3.87
CA HIS C 199 9.60 -7.08 3.71
C HIS C 199 9.09 -7.99 4.82
N ALA C 200 9.82 -9.06 5.13
CA ALA C 200 9.46 -9.95 6.24
C ALA C 200 9.35 -9.15 7.54
N LEU C 201 10.20 -8.11 7.72
CA LEU C 201 10.14 -7.35 8.96
C LEU C 201 8.85 -6.54 9.03
N VAL C 202 8.38 -6.01 7.89
CA VAL C 202 7.07 -5.34 7.87
C VAL C 202 6.00 -6.34 8.29
N GLY C 203 6.04 -7.56 7.74
CA GLY C 203 5.06 -8.57 8.13
C GLY C 203 5.11 -8.86 9.62
N LEU C 204 6.33 -8.96 10.18
CA LEU C 204 6.44 -9.18 11.61
C LEU C 204 5.82 -8.01 12.38
N THR C 205 6.10 -6.76 11.94
CA THR C 205 5.61 -5.60 12.66
C THR C 205 4.09 -5.71 12.77
N GLN C 206 3.42 -5.99 11.63
CA GLN C 206 1.97 -6.06 11.59
C GLN C 206 1.46 -7.25 12.36
N SER C 207 2.03 -8.46 12.14
CA SER C 207 1.55 -9.65 12.83
C SER C 207 1.71 -9.54 14.33
N ALA C 208 2.87 -9.04 14.76
CA ALA C 208 3.12 -8.89 16.21
C ALA C 208 2.24 -7.80 16.82
N ALA C 209 1.99 -6.72 16.08
CA ALA C 209 1.12 -5.67 16.63
C ALA C 209 -0.24 -6.30 16.94
N LEU C 210 -0.75 -7.13 16.02
CA LEU C 210 -2.07 -7.71 16.23
CA LEU C 210 -2.07 -7.73 16.22
C LEU C 210 -2.05 -8.68 17.41
N GLU C 211 -1.02 -9.52 17.47
CA GLU C 211 -0.97 -10.64 18.42
C GLU C 211 -0.60 -10.15 19.81
N LEU C 212 0.15 -9.05 19.91
CA LEU C 212 0.59 -8.64 21.24
C LEU C 212 -0.26 -7.51 21.81
N ALA C 213 -1.24 -7.03 21.02
CA ALA C 213 -2.07 -5.92 21.49
C ALA C 213 -2.78 -6.30 22.77
N PRO C 214 -3.24 -7.56 22.95
CA PRO C 214 -3.91 -7.95 24.20
C PRO C 214 -3.01 -7.82 25.42
N TYR C 215 -1.68 -7.86 25.25
CA TYR C 215 -0.73 -7.69 26.34
C TYR C 215 -0.38 -6.22 26.57
N GLY C 216 -0.91 -5.32 25.74
CA GLY C 216 -0.60 -3.91 25.80
C GLY C 216 0.77 -3.60 25.21
N ILE C 217 1.34 -4.55 24.43
CA ILE C 217 2.63 -4.30 23.80
C ILE C 217 2.37 -3.71 22.41
N ARG C 218 2.84 -2.47 22.15
CA ARG C 218 2.64 -1.88 20.82
C ARG C 218 3.86 -2.28 19.98
N VAL C 219 3.67 -2.40 18.65
CA VAL C 219 4.77 -2.82 17.76
C VAL C 219 4.68 -1.91 16.54
N ASN C 220 5.77 -1.15 16.31
CA ASN C 220 5.75 -0.17 15.25
C ASN C 220 7.09 -0.21 14.54
N GLY C 221 7.18 0.57 13.42
CA GLY C 221 8.43 0.63 12.67
C GLY C 221 8.80 2.07 12.37
N VAL C 222 10.10 2.27 12.12
CA VAL C 222 10.62 3.49 11.55
C VAL C 222 11.40 3.09 10.31
N ALA C 223 11.09 3.77 9.21
CA ALA C 223 11.64 3.41 7.91
C ALA C 223 12.49 4.57 7.38
N PRO C 224 13.81 4.51 7.55
CA PRO C 224 14.68 5.55 6.98
C PRO C 224 14.75 5.38 5.45
N GLY C 225 15.05 6.48 4.75
CA GLY C 225 15.25 6.37 3.31
C GLY C 225 16.74 6.30 3.07
N VAL C 226 17.37 7.47 2.92
CA VAL C 226 18.82 7.50 3.06
C VAL C 226 19.12 8.22 4.36
N SER C 227 19.79 7.50 5.25
CA SER C 227 20.35 8.13 6.42
C SER C 227 21.87 8.02 6.27
N LEU C 228 22.59 7.68 7.35
CA LEU C 228 24.04 7.51 7.26
C LEU C 228 24.42 6.53 6.14
N LEU C 229 25.20 7.02 5.17
CA LEU C 229 25.58 6.17 4.05
C LEU C 229 26.63 5.15 4.49
N PRO C 230 26.74 3.99 3.80
CA PRO C 230 27.69 2.95 4.19
C PRO C 230 29.11 3.51 4.22
N VAL C 231 29.87 3.13 5.26
CA VAL C 231 31.24 3.58 5.40
C VAL C 231 32.01 3.36 4.10
N ALA C 232 31.80 2.19 3.47
CA ALA C 232 32.63 1.76 2.35
C ALA C 232 32.29 2.53 1.06
N MET C 233 31.10 3.15 1.01
CA MET C 233 30.61 3.80 -0.19
C MET C 233 31.50 4.99 -0.55
N GLY C 234 31.74 5.18 -1.86
CA GLY C 234 32.54 6.30 -2.33
C GLY C 234 31.78 7.62 -2.19
N GLU C 235 32.55 8.72 -2.14
CA GLU C 235 32.06 10.07 -1.92
C GLU C 235 31.10 10.51 -3.02
N GLU C 236 31.43 10.17 -4.28
CA GLU C 236 30.61 10.58 -5.41
C GLU C 236 29.27 9.83 -5.38
N GLU C 237 29.32 8.53 -5.04
CA GLU C 237 28.10 7.72 -4.95
C GLU C 237 27.19 8.25 -3.84
N LYS C 238 27.77 8.69 -2.71
CA LYS C 238 27.00 9.23 -1.59
C LYS C 238 26.30 10.51 -2.02
N ASP C 239 27.00 11.39 -2.76
CA ASP C 239 26.40 12.64 -3.22
C ASP C 239 25.27 12.36 -4.21
N LYS C 240 25.42 11.27 -5.00
CA LYS C 240 24.37 10.86 -5.91
C LYS C 240 23.09 10.60 -5.10
N TRP C 241 23.22 9.87 -3.99
CA TRP C 241 22.05 9.54 -3.16
C TRP C 241 21.48 10.82 -2.52
N ARG C 242 22.36 11.66 -1.97
CA ARG C 242 21.90 12.88 -1.32
C ARG C 242 21.07 13.75 -2.25
N ARG C 243 21.46 13.85 -3.52
CA ARG C 243 20.81 14.75 -4.49
C ARG C 243 19.38 14.32 -4.84
N LYS C 244 19.01 13.08 -4.53
CA LYS C 244 17.67 12.64 -4.90
C LYS C 244 16.63 13.01 -3.83
N VAL C 245 17.06 13.49 -2.66
CA VAL C 245 16.14 13.70 -1.56
C VAL C 245 15.39 15.03 -1.70
N PRO C 246 14.05 15.07 -1.83
CA PRO C 246 13.35 16.36 -1.94
C PRO C 246 13.58 17.37 -0.83
N LEU C 247 13.60 16.89 0.41
CA LEU C 247 13.74 17.73 1.57
C LEU C 247 15.22 17.96 1.88
N GLY C 248 15.82 18.93 1.18
CA GLY C 248 17.11 19.50 1.59
C GLY C 248 18.27 18.74 0.96
N ARG C 249 17.95 17.75 0.11
CA ARG C 249 18.99 17.16 -0.75
C ARG C 249 20.16 16.65 0.10
N ARG C 250 19.81 15.99 1.21
CA ARG C 250 20.76 15.51 2.19
C ARG C 250 20.16 14.26 2.80
N GLU C 251 21.03 13.41 3.39
CA GLU C 251 20.58 12.25 4.17
C GLU C 251 20.10 12.66 5.58
N ALA C 252 19.27 11.78 6.17
CA ALA C 252 18.83 11.97 7.55
C ALA C 252 20.05 11.77 8.44
N SER C 253 20.21 12.65 9.42
CA SER C 253 21.12 12.29 10.49
C SER C 253 20.59 11.08 11.23
N ALA C 254 21.48 10.42 11.96
CA ALA C 254 21.03 9.34 12.82
C ALA C 254 20.07 9.87 13.88
N GLU C 255 20.32 11.09 14.37
CA GLU C 255 19.46 11.68 15.39
C GLU C 255 18.02 11.86 14.88
N GLN C 256 17.86 12.16 13.59
CA GLN C 256 16.50 12.34 13.06
C GLN C 256 15.75 11.00 13.09
N ILE C 257 16.45 9.91 12.75
CA ILE C 257 15.82 8.59 12.87
C ILE C 257 15.45 8.33 14.32
N ALA C 258 16.42 8.55 15.23
CA ALA C 258 16.14 8.28 16.64
C ALA C 258 14.96 9.07 17.18
N ASP C 259 14.79 10.31 16.70
CA ASP C 259 13.61 11.13 17.11
C ASP C 259 12.29 10.41 16.84
N ALA C 260 12.16 9.70 15.71
CA ALA C 260 10.93 8.97 15.45
C ALA C 260 10.77 7.77 16.38
N VAL C 261 11.87 7.10 16.67
CA VAL C 261 11.83 6.01 17.65
C VAL C 261 11.36 6.54 19.01
N ILE C 262 11.95 7.65 19.47
CA ILE C 262 11.55 8.25 20.75
C ILE C 262 10.06 8.57 20.76
N PHE C 263 9.53 9.12 19.65
CA PHE C 263 8.09 9.37 19.60
C PHE C 263 7.32 8.06 19.79
N LEU C 264 7.68 7.01 19.03
CA LEU C 264 6.88 5.79 19.07
C LEU C 264 6.93 5.09 20.43
N VAL C 265 8.03 5.26 21.20
CA VAL C 265 8.02 4.58 22.50
C VAL C 265 7.34 5.45 23.57
N SER C 266 7.10 6.73 23.25
CA SER C 266 6.59 7.69 24.22
C SER C 266 5.11 7.49 24.55
N GLY C 267 4.69 8.15 25.63
CA GLY C 267 3.27 8.28 26.00
C GLY C 267 2.44 9.01 24.94
N SER C 268 3.07 9.78 24.05
CA SER C 268 2.38 10.46 22.94
C SER C 268 1.97 9.50 21.82
N ALA C 269 2.36 8.22 21.93
CA ALA C 269 2.07 7.24 20.88
C ALA C 269 1.29 6.05 21.43
N GLN C 270 0.55 6.25 22.53
CA GLN C 270 -0.02 5.12 23.26
CA GLN C 270 0.03 5.08 23.24
C GLN C 270 -1.13 4.41 22.50
N TYR C 271 -1.70 5.05 21.45
CA TYR C 271 -2.72 4.36 20.65
C TYR C 271 -2.16 3.86 19.30
N ILE C 272 -0.86 4.04 19.09
CA ILE C 272 -0.25 3.71 17.81
C ILE C 272 0.38 2.31 17.87
N THR C 273 -0.17 1.40 17.06
CA THR C 273 0.47 0.10 16.89
C THR C 273 0.25 -0.37 15.46
N GLY C 274 1.25 -1.08 14.95
CA GLY C 274 1.24 -1.58 13.59
C GLY C 274 1.54 -0.49 12.56
N SER C 275 2.09 0.65 12.99
CA SER C 275 2.37 1.77 12.10
C SER C 275 3.83 1.79 11.79
N ILE C 276 4.15 2.18 10.55
CA ILE C 276 5.54 2.35 10.15
C ILE C 276 5.70 3.80 9.71
N ILE C 277 6.52 4.57 10.43
CA ILE C 277 6.74 5.97 10.12
C ILE C 277 7.93 6.11 9.16
N LYS C 278 7.70 6.62 7.93
CA LYS C 278 8.81 6.88 7.03
C LYS C 278 9.51 8.14 7.50
N VAL C 279 10.85 8.08 7.52
CA VAL C 279 11.67 9.24 7.85
C VAL C 279 12.67 9.37 6.71
N ASP C 280 12.19 9.88 5.58
CA ASP C 280 12.96 9.72 4.33
C ASP C 280 13.06 11.02 3.53
N GLY C 281 12.57 12.14 4.09
CA GLY C 281 12.75 13.41 3.37
C GLY C 281 12.01 13.42 2.04
N GLY C 282 11.00 12.54 1.86
CA GLY C 282 10.23 12.49 0.64
C GLY C 282 10.82 11.57 -0.44
N LEU C 283 11.94 10.88 -0.14
CA LEU C 283 12.66 10.14 -1.19
C LEU C 283 11.79 9.08 -1.87
N SER C 284 10.93 8.40 -1.08
CA SER C 284 10.15 7.31 -1.65
C SER C 284 9.04 7.80 -2.56
N LEU C 285 8.79 9.11 -2.55
CA LEU C 285 7.75 9.65 -3.41
C LEU C 285 8.30 10.04 -4.78
N VAL C 286 9.62 9.92 -4.98
CA VAL C 286 10.22 10.46 -6.19
C VAL C 286 10.23 9.37 -7.28
N HIS C 287 9.65 9.67 -8.45
CA HIS C 287 9.62 8.67 -9.52
C HIS C 287 10.99 8.57 -10.20
N ALA C 288 11.15 7.46 -10.94
CA ALA C 288 12.36 7.13 -11.67
C ALA C 288 12.76 8.29 -12.60
N GLU D 22 -27.22 -13.94 -27.41
CA GLU D 22 -27.29 -12.45 -27.65
C GLU D 22 -26.01 -11.78 -27.11
N ALA D 23 -25.51 -10.78 -27.82
CA ALA D 23 -24.14 -10.34 -27.59
C ALA D 23 -24.15 -9.35 -26.43
N PRO D 24 -23.13 -9.37 -25.54
CA PRO D 24 -23.09 -8.36 -24.47
C PRO D 24 -22.76 -6.98 -25.03
N ALA D 25 -22.97 -5.96 -24.21
CA ALA D 25 -22.67 -4.61 -24.65
C ALA D 25 -21.80 -3.88 -23.62
N ALA D 26 -20.95 -2.98 -24.13
CA ALA D 26 -20.02 -2.25 -23.28
C ALA D 26 -20.08 -0.75 -23.61
N VAL D 27 -19.93 0.07 -22.56
CA VAL D 27 -19.70 1.52 -22.72
C VAL D 27 -18.21 1.75 -22.50
N VAL D 28 -17.56 2.46 -23.42
CA VAL D 28 -16.19 2.89 -23.16
C VAL D 28 -16.15 4.41 -23.21
N THR D 29 -15.68 5.05 -22.13
CA THR D 29 -15.60 6.53 -22.19
C THR D 29 -14.31 6.96 -22.84
N GLY D 30 -14.37 8.11 -23.50
CA GLY D 30 -13.16 8.62 -24.17
C GLY D 30 -12.62 7.61 -25.19
N ALA D 31 -13.51 7.04 -26.01
CA ALA D 31 -13.16 5.90 -26.88
C ALA D 31 -12.74 6.27 -28.30
N ALA D 32 -12.73 7.56 -28.67
CA ALA D 32 -12.46 7.93 -30.07
C ALA D 32 -10.99 7.70 -30.43
N LYS D 33 -10.06 7.78 -29.47
CA LYS D 33 -8.64 7.77 -29.79
C LYS D 33 -7.86 6.97 -28.74
N ARG D 34 -6.62 6.61 -29.12
CA ARG D 34 -5.60 6.16 -28.18
C ARG D 34 -6.09 4.95 -27.38
N ILE D 35 -5.94 5.00 -26.04
CA ILE D 35 -6.22 3.81 -25.27
C ILE D 35 -7.70 3.42 -25.37
N GLY D 36 -8.57 4.42 -25.22
CA GLY D 36 -9.98 4.03 -25.26
C GLY D 36 -10.40 3.42 -26.59
N ARG D 37 -9.81 3.93 -27.69
CA ARG D 37 -10.07 3.35 -29.00
C ARG D 37 -9.67 1.89 -29.04
N ALA D 38 -8.46 1.60 -28.53
CA ALA D 38 -7.95 0.24 -28.55
C ALA D 38 -8.80 -0.69 -27.70
N ILE D 39 -9.31 -0.20 -26.54
CA ILE D 39 -10.22 -0.95 -25.72
C ILE D 39 -11.54 -1.23 -26.45
N ALA D 40 -12.10 -0.19 -27.08
CA ALA D 40 -13.34 -0.41 -27.81
C ALA D 40 -13.15 -1.45 -28.93
N VAL D 41 -12.04 -1.35 -29.69
CA VAL D 41 -11.78 -2.31 -30.75
C VAL D 41 -11.64 -3.74 -30.20
N LYS D 42 -10.89 -3.93 -29.09
CA LYS D 42 -10.70 -5.28 -28.59
C LYS D 42 -11.95 -5.85 -27.99
N LEU D 43 -12.75 -4.99 -27.36
CA LEU D 43 -14.02 -5.50 -26.86
C LEU D 43 -14.89 -5.94 -28.06
N HIS D 44 -14.94 -5.11 -29.08
CA HIS D 44 -15.75 -5.47 -30.25
C HIS D 44 -15.26 -6.80 -30.85
N GLN D 45 -13.93 -6.95 -30.95
CA GLN D 45 -13.34 -8.20 -31.47
C GLN D 45 -13.70 -9.41 -30.61
N THR D 46 -13.96 -9.20 -29.31
CA THR D 46 -14.29 -10.21 -28.34
C THR D 46 -15.76 -10.56 -28.48
N GLY D 47 -16.54 -9.75 -29.21
CA GLY D 47 -17.95 -10.06 -29.39
C GLY D 47 -18.93 -9.06 -28.76
N TYR D 48 -18.40 -7.98 -28.14
CA TYR D 48 -19.28 -6.98 -27.53
C TYR D 48 -19.78 -5.96 -28.56
N ARG D 49 -21.02 -5.50 -28.35
CA ARG D 49 -21.52 -4.27 -28.98
C ARG D 49 -21.02 -3.12 -28.11
N VAL D 50 -20.67 -1.98 -28.74
CA VAL D 50 -20.00 -0.93 -27.99
CA VAL D 50 -19.96 -0.91 -28.03
C VAL D 50 -20.66 0.44 -28.18
N VAL D 51 -20.74 1.17 -27.07
CA VAL D 51 -21.03 2.60 -27.08
C VAL D 51 -19.70 3.32 -26.99
N ILE D 52 -19.40 4.11 -28.01
CA ILE D 52 -18.17 4.90 -28.10
C ILE D 52 -18.50 6.30 -27.59
N HIS D 53 -18.14 6.58 -26.33
CA HIS D 53 -18.35 7.91 -25.80
C HIS D 53 -17.21 8.82 -26.25
N TYR D 54 -17.59 10.07 -26.55
CA TYR D 54 -16.59 11.06 -26.93
C TYR D 54 -17.04 12.44 -26.44
N HIS D 55 -16.11 13.37 -26.39
CA HIS D 55 -16.44 14.75 -25.99
C HIS D 55 -16.26 15.65 -27.21
N ASN D 56 -15.01 15.83 -27.64
CA ASN D 56 -14.75 16.72 -28.76
C ASN D 56 -14.42 15.97 -30.05
N SER D 57 -14.02 14.68 -30.00
CA SER D 57 -13.44 14.09 -31.20
C SER D 57 -14.55 13.35 -31.98
N ALA D 58 -15.55 14.11 -32.47
CA ALA D 58 -16.69 13.46 -33.13
C ALA D 58 -16.26 12.71 -34.39
N GLU D 59 -15.40 13.31 -35.22
CA GLU D 59 -15.01 12.69 -36.48
C GLU D 59 -14.35 11.34 -36.21
N ALA D 60 -13.45 11.30 -35.20
CA ALA D 60 -12.75 10.07 -34.90
C ALA D 60 -13.72 9.04 -34.28
N ALA D 61 -14.70 9.49 -33.49
CA ALA D 61 -15.62 8.55 -32.88
C ALA D 61 -16.53 7.90 -33.97
N VAL D 62 -17.00 8.75 -34.89
CA VAL D 62 -17.84 8.26 -35.98
C VAL D 62 -17.05 7.33 -36.88
N SER D 63 -15.77 7.68 -37.16
CA SER D 63 -14.94 6.83 -38.01
CA SER D 63 -14.97 6.82 -38.01
C SER D 63 -14.77 5.46 -37.35
N LEU D 64 -14.59 5.42 -36.01
CA LEU D 64 -14.46 4.12 -35.37
C LEU D 64 -15.78 3.36 -35.43
N ALA D 65 -16.91 4.04 -35.18
CA ALA D 65 -18.21 3.37 -35.24
C ALA D 65 -18.47 2.80 -36.64
N ASP D 66 -18.09 3.57 -37.67
CA ASP D 66 -18.30 3.07 -39.03
C ASP D 66 -17.45 1.83 -39.30
N GLU D 67 -16.19 1.81 -38.85
CA GLU D 67 -15.30 0.67 -39.03
C GLU D 67 -15.93 -0.55 -38.36
N LEU D 68 -16.39 -0.40 -37.11
CA LEU D 68 -16.92 -1.51 -36.36
C LEU D 68 -18.24 -2.05 -36.93
N ASN D 69 -19.10 -1.12 -37.38
CA ASN D 69 -20.34 -1.53 -38.04
C ASN D 69 -20.12 -2.19 -39.39
N LYS D 70 -19.04 -1.84 -40.10
CA LYS D 70 -18.71 -2.54 -41.32
C LYS D 70 -18.33 -3.97 -40.99
N GLU D 71 -17.61 -4.15 -39.88
CA GLU D 71 -17.22 -5.49 -39.45
C GLU D 71 -18.49 -6.27 -39.09
N ARG D 72 -19.43 -5.68 -38.34
CA ARG D 72 -20.69 -6.34 -38.01
CA ARG D 72 -20.70 -6.33 -38.03
C ARG D 72 -21.76 -5.26 -37.83
N SER D 73 -22.82 -5.33 -38.65
CA SER D 73 -23.86 -4.30 -38.61
C SER D 73 -24.48 -4.15 -37.23
N ASN D 74 -24.74 -2.88 -36.86
CA ASN D 74 -25.55 -2.56 -35.70
C ASN D 74 -24.86 -2.99 -34.41
N THR D 75 -23.52 -2.86 -34.37
CA THR D 75 -22.81 -3.25 -33.16
C THR D 75 -22.06 -2.08 -32.51
N ALA D 76 -22.17 -0.86 -33.08
CA ALA D 76 -21.46 0.25 -32.45
C ALA D 76 -22.33 1.49 -32.61
N VAL D 77 -22.36 2.30 -31.53
CA VAL D 77 -22.98 3.63 -31.64
C VAL D 77 -22.05 4.63 -30.94
N VAL D 78 -22.23 5.94 -31.19
CA VAL D 78 -21.48 6.97 -30.48
C VAL D 78 -22.42 7.67 -29.50
N CYS D 79 -21.81 8.24 -28.44
CA CYS D 79 -22.56 9.05 -27.49
C CYS D 79 -21.68 10.24 -27.12
N GLN D 80 -22.16 11.47 -27.35
CA GLN D 80 -21.32 12.62 -26.97
C GLN D 80 -21.70 13.12 -25.58
N ALA D 81 -20.69 13.47 -24.78
CA ALA D 81 -20.92 14.11 -23.49
C ALA D 81 -19.63 14.72 -22.96
N ASP D 82 -19.75 15.92 -22.38
CA ASP D 82 -18.68 16.50 -21.59
C ASP D 82 -18.73 15.89 -20.19
N LEU D 83 -17.59 15.36 -19.72
CA LEU D 83 -17.54 14.71 -18.41
C LEU D 83 -16.91 15.61 -17.34
N THR D 84 -16.74 16.89 -17.65
CA THR D 84 -16.42 17.90 -16.63
C THR D 84 -17.48 17.87 -15.54
N ASN D 85 -17.07 18.05 -14.27
CA ASN D 85 -18.09 18.11 -13.24
C ASN D 85 -18.93 19.39 -13.38
N SER D 86 -20.23 19.24 -13.14
CA SER D 86 -21.18 20.36 -13.21
C SER D 86 -22.51 19.90 -12.67
N ASN D 87 -23.51 20.81 -12.53
CA ASN D 87 -24.87 20.46 -12.11
CA ASN D 87 -24.78 20.31 -12.01
C ASN D 87 -25.51 19.42 -13.02
N VAL D 88 -25.10 19.39 -14.30
CA VAL D 88 -25.72 18.52 -15.30
C VAL D 88 -24.95 17.20 -15.47
N LEU D 89 -23.78 17.05 -14.84
CA LEU D 89 -23.00 15.83 -15.05
C LEU D 89 -23.78 14.56 -14.68
N PRO D 90 -24.56 14.46 -13.56
CA PRO D 90 -25.30 13.24 -13.25
C PRO D 90 -26.28 12.87 -14.38
N ALA D 91 -26.99 13.87 -14.90
CA ALA D 91 -27.88 13.62 -16.02
C ALA D 91 -27.13 13.11 -17.26
N SER D 92 -25.95 13.69 -17.55
CA SER D 92 -25.14 13.27 -18.68
C SER D 92 -24.73 11.80 -18.52
N CYS D 93 -24.34 11.44 -17.30
CA CYS D 93 -23.82 10.10 -17.07
C CYS D 93 -24.97 9.08 -17.14
N GLU D 94 -26.16 9.47 -16.67
CA GLU D 94 -27.34 8.64 -16.82
C GLU D 94 -27.64 8.40 -18.30
N GLU D 95 -27.48 9.46 -19.11
N GLU D 95 -27.43 9.43 -19.13
CA GLU D 95 -27.72 9.39 -20.54
CA GLU D 95 -27.75 9.34 -20.55
C GLU D 95 -26.75 8.40 -21.21
C GLU D 95 -26.71 8.54 -21.34
N ILE D 96 -25.46 8.48 -20.86
CA ILE D 96 -24.50 7.57 -21.47
C ILE D 96 -24.92 6.12 -21.20
N ILE D 97 -25.26 5.79 -19.96
CA ILE D 97 -25.70 4.43 -19.72
C ILE D 97 -27.00 4.12 -20.49
N ASN D 98 -27.96 5.07 -20.46
CA ASN D 98 -29.21 4.89 -21.17
C ASN D 98 -28.97 4.59 -22.64
N SER D 99 -27.97 5.25 -23.24
N SER D 99 -27.97 5.25 -23.23
CA SER D 99 -27.66 5.10 -24.65
CA SER D 99 -27.65 5.09 -24.64
C SER D 99 -27.31 3.64 -24.99
C SER D 99 -27.34 3.63 -24.97
N CYS D 100 -26.65 2.94 -24.05
CA CYS D 100 -26.32 1.54 -24.26
C CYS D 100 -27.59 0.67 -24.20
N PHE D 101 -28.48 0.96 -23.26
CA PHE D 101 -29.74 0.22 -23.21
C PHE D 101 -30.62 0.48 -24.44
N ARG D 102 -30.67 1.72 -24.90
CA ARG D 102 -31.51 2.00 -26.06
C ARG D 102 -30.95 1.33 -27.31
N ALA D 103 -29.63 1.33 -27.51
CA ALA D 103 -29.04 0.72 -28.70
C ALA D 103 -29.12 -0.81 -28.64
N PHE D 104 -28.81 -1.39 -27.45
CA PHE D 104 -28.47 -2.80 -27.39
C PHE D 104 -29.32 -3.60 -26.41
N GLY D 105 -30.11 -2.94 -25.56
CA GLY D 105 -31.08 -3.59 -24.67
C GLY D 105 -30.42 -4.15 -23.40
N ARG D 106 -29.14 -3.81 -23.18
CA ARG D 106 -28.43 -4.30 -22.01
C ARG D 106 -27.12 -3.49 -21.89
N CYS D 107 -26.47 -3.58 -20.73
CA CYS D 107 -25.18 -2.92 -20.59
C CYS D 107 -24.40 -3.79 -19.60
N ASP D 108 -23.44 -4.54 -20.12
CA ASP D 108 -22.74 -5.55 -19.30
C ASP D 108 -21.45 -4.97 -18.70
N VAL D 109 -20.81 -4.08 -19.45
CA VAL D 109 -19.47 -3.63 -19.08
C VAL D 109 -19.41 -2.10 -19.20
N LEU D 110 -18.78 -1.48 -18.20
CA LEU D 110 -18.46 -0.05 -18.28
C LEU D 110 -16.96 0.09 -18.14
N VAL D 111 -16.31 0.79 -19.09
CA VAL D 111 -14.88 1.11 -18.94
C VAL D 111 -14.72 2.62 -18.79
N ASN D 112 -14.25 3.03 -17.60
CA ASN D 112 -14.05 4.45 -17.32
C ASN D 112 -12.62 4.74 -17.75
N ASN D 113 -12.49 5.23 -18.98
CA ASN D 113 -11.21 5.51 -19.60
C ASN D 113 -10.94 7.00 -19.76
N ALA D 114 -11.99 7.82 -19.99
CA ALA D 114 -11.79 9.24 -20.31
C ALA D 114 -11.03 9.92 -19.17
N SER D 115 -10.17 10.87 -19.55
CA SER D 115 -9.33 11.44 -18.51
C SER D 115 -8.72 12.74 -19.00
N ALA D 116 -8.73 13.77 -18.14
CA ALA D 116 -7.98 14.98 -18.40
C ALA D 116 -6.65 14.90 -17.64
N PHE D 117 -5.61 15.51 -18.22
CA PHE D 117 -4.27 15.35 -17.70
C PHE D 117 -3.46 16.58 -18.09
N TYR D 118 -3.10 17.40 -17.08
CA TYR D 118 -2.26 18.56 -17.28
C TYR D 118 -1.86 19.06 -15.91
N PRO D 119 -0.72 19.79 -15.79
CA PRO D 119 -0.24 20.25 -14.49
C PRO D 119 -1.10 21.37 -13.88
N THR D 120 -1.14 21.36 -12.54
CA THR D 120 -1.78 22.38 -11.73
C THR D 120 -0.84 22.77 -10.58
N PRO D 121 0.19 23.57 -10.85
CA PRO D 121 1.18 23.92 -9.83
C PRO D 121 0.55 24.60 -8.61
N LEU D 122 1.10 24.27 -7.43
CA LEU D 122 0.52 24.80 -6.20
C LEU D 122 0.98 26.23 -6.03
N VAL D 123 2.18 26.52 -6.58
CA VAL D 123 2.77 27.86 -6.62
C VAL D 123 3.18 28.15 -8.08
N LYS D 134 -7.33 29.04 -17.59
CA LYS D 134 -8.40 28.32 -16.84
C LYS D 134 -8.31 28.71 -15.37
N THR D 135 -9.47 28.97 -14.77
CA THR D 135 -9.51 29.18 -13.33
C THR D 135 -9.20 27.84 -12.65
N VAL D 136 -8.79 27.94 -11.40
CA VAL D 136 -8.52 26.71 -10.64
C VAL D 136 -9.83 25.93 -10.46
N GLU D 137 -11.00 26.58 -10.30
CA GLU D 137 -12.22 25.78 -10.15
C GLU D 137 -12.60 25.06 -11.44
N THR D 138 -12.24 25.64 -12.61
CA THR D 138 -12.39 24.88 -13.84
C THR D 138 -11.49 23.65 -13.86
N GLN D 139 -10.21 23.82 -13.45
CA GLN D 139 -9.26 22.72 -13.39
C GLN D 139 -9.76 21.63 -12.45
N VAL D 140 -10.35 22.03 -11.31
CA VAL D 140 -10.96 21.05 -10.44
C VAL D 140 -12.07 20.28 -11.18
N ALA D 141 -12.96 21.03 -11.82
CA ALA D 141 -14.10 20.40 -12.48
C ALA D 141 -13.62 19.41 -13.54
N GLU D 142 -12.56 19.75 -14.24
CA GLU D 142 -12.08 18.92 -15.34
C GLU D 142 -11.29 17.72 -14.83
N LEU D 143 -10.31 17.96 -13.96
CA LEU D 143 -9.42 16.91 -13.49
C LEU D 143 -10.14 15.99 -12.51
N ILE D 144 -10.86 16.54 -11.53
CA ILE D 144 -11.54 15.68 -10.57
C ILE D 144 -12.84 15.17 -11.19
N GLY D 145 -13.50 15.95 -12.07
N GLY D 145 -13.53 16.12 -11.84
CA GLY D 145 -14.71 15.42 -12.70
CA GLY D 145 -14.82 15.84 -12.46
C GLY D 145 -14.45 14.28 -13.68
C GLY D 145 -14.71 14.65 -13.39
N THR D 146 -13.54 14.49 -14.64
N THR D 146 -13.93 14.80 -14.47
CA THR D 146 -13.27 13.40 -15.58
CA THR D 146 -13.91 13.75 -15.47
C THR D 146 -12.72 12.15 -14.89
C THR D 146 -13.13 12.55 -14.96
N ASN D 147 -11.73 12.34 -14.03
N ASN D 147 -12.14 12.82 -14.09
CA ASN D 147 -10.99 11.20 -13.53
CA ASN D 147 -11.23 11.74 -13.72
C ASN D 147 -11.73 10.49 -12.41
C ASN D 147 -11.83 10.88 -12.61
N ALA D 148 -12.70 11.15 -11.74
N ALA D 148 -12.62 11.52 -11.72
CA ALA D 148 -13.24 10.53 -10.55
CA ALA D 148 -13.08 10.89 -10.49
C ALA D 148 -14.77 10.71 -10.42
C ALA D 148 -14.60 10.79 -10.45
N ILE D 149 -15.27 11.95 -10.59
CA ILE D 149 -16.70 12.10 -10.33
C ILE D 149 -17.52 11.45 -11.48
N ALA D 150 -17.11 11.64 -12.73
CA ALA D 150 -17.88 11.00 -13.79
C ALA D 150 -17.83 9.48 -13.63
N PRO D 151 -16.65 8.85 -13.36
CA PRO D 151 -16.66 7.40 -13.06
C PRO D 151 -17.64 7.04 -11.96
N PHE D 152 -17.70 7.86 -10.91
CA PHE D 152 -18.64 7.58 -9.82
C PHE D 152 -20.10 7.64 -10.28
N LEU D 153 -20.45 8.69 -11.01
CA LEU D 153 -21.83 8.84 -11.48
C LEU D 153 -22.18 7.77 -12.53
N LEU D 154 -21.25 7.43 -13.41
CA LEU D 154 -21.47 6.34 -14.37
C LEU D 154 -21.66 5.00 -13.66
N THR D 155 -20.89 4.78 -12.59
CA THR D 155 -20.99 3.58 -11.78
C THR D 155 -22.40 3.54 -11.16
N MET D 156 -22.87 4.66 -10.59
CA MET D 156 -24.23 4.73 -10.01
C MET D 156 -25.26 4.37 -11.07
N SER D 157 -25.14 4.98 -12.25
CA SER D 157 -26.14 4.77 -13.29
C SER D 157 -26.09 3.34 -13.79
N PHE D 158 -24.88 2.78 -13.94
CA PHE D 158 -24.72 1.40 -14.37
C PHE D 158 -25.43 0.45 -13.38
N ALA D 159 -25.14 0.62 -12.10
CA ALA D 159 -25.69 -0.26 -11.07
C ALA D 159 -27.20 -0.08 -10.98
N GLN D 160 -27.69 1.18 -11.10
CA GLN D 160 -29.12 1.40 -10.92
C GLN D 160 -29.89 0.66 -12.01
N ARG D 161 -29.31 0.53 -13.21
CA ARG D 161 -29.92 -0.18 -14.33
CA ARG D 161 -30.02 -0.16 -14.27
C ARG D 161 -29.97 -1.69 -14.08
N GLN D 162 -29.13 -2.21 -13.19
N GLN D 162 -29.10 -2.18 -13.18
CA GLN D 162 -29.11 -3.66 -12.98
CA GLN D 162 -28.95 -3.60 -12.88
C GLN D 162 -29.81 -4.01 -11.66
C GLN D 162 -29.57 -3.95 -11.53
N LYS D 163 -30.33 -3.00 -10.96
CA LYS D 163 -30.85 -3.17 -9.60
C LYS D 163 -31.79 -4.40 -9.54
N THR D 170 -27.27 -15.71 -14.90
CA THR D 170 -26.09 -16.54 -14.51
C THR D 170 -25.25 -16.89 -15.74
N SER D 171 -25.71 -16.43 -16.92
CA SER D 171 -24.86 -16.19 -18.08
C SER D 171 -24.19 -14.82 -17.94
N SER D 172 -24.67 -14.03 -16.97
N SER D 172 -24.67 -14.05 -16.95
CA SER D 172 -24.30 -12.63 -16.83
CA SER D 172 -24.30 -12.65 -16.76
C SER D 172 -22.90 -12.50 -16.24
C SER D 172 -22.86 -12.54 -16.27
N ASN D 173 -22.12 -11.56 -16.80
CA ASN D 173 -20.80 -11.27 -16.29
C ASN D 173 -20.66 -9.75 -16.35
N LEU D 174 -21.21 -9.09 -15.34
CA LEU D 174 -21.25 -7.64 -15.28
C LEU D 174 -19.97 -7.13 -14.63
N SER D 175 -19.33 -6.12 -15.24
CA SER D 175 -18.14 -5.59 -14.58
C SER D 175 -17.81 -4.18 -15.06
N ILE D 176 -17.08 -3.48 -14.20
CA ILE D 176 -16.61 -2.13 -14.44
C ILE D 176 -15.10 -2.16 -14.39
N VAL D 177 -14.45 -1.46 -15.35
CA VAL D 177 -13.00 -1.37 -15.30
C VAL D 177 -12.63 0.11 -15.33
N ASN D 178 -11.86 0.54 -14.34
CA ASN D 178 -11.41 1.92 -14.24
C ASN D 178 -9.95 2.04 -14.66
N LEU D 179 -9.65 3.02 -15.51
CA LEU D 179 -8.26 3.18 -15.90
C LEU D 179 -7.59 4.10 -14.87
N CYS D 180 -6.67 3.50 -14.13
CA CYS D 180 -6.00 4.07 -12.98
C CYS D 180 -4.61 4.52 -13.45
N ASP D 181 -3.65 4.65 -12.53
CA ASP D 181 -2.31 5.12 -12.93
C ASP D 181 -1.31 4.39 -12.02
N ALA D 182 -0.36 3.65 -12.65
CA ALA D 182 0.55 2.88 -11.82
C ALA D 182 1.50 3.77 -11.00
N MET D 183 1.64 5.04 -11.37
CA MET D 183 2.56 5.93 -10.69
C MET D 183 1.82 6.79 -9.67
N VAL D 184 0.68 6.33 -9.15
CA VAL D 184 -0.11 7.21 -8.30
C VAL D 184 0.61 7.53 -6.97
N ASP D 185 1.51 6.65 -6.54
CA ASP D 185 2.23 6.93 -5.31
C ASP D 185 3.64 7.51 -5.53
N GLN D 186 4.01 7.80 -6.78
CA GLN D 186 5.24 8.51 -7.09
C GLN D 186 4.85 9.54 -8.13
N PRO D 187 4.12 10.58 -7.71
CA PRO D 187 3.47 11.44 -8.70
C PRO D 187 4.41 12.38 -9.48
N CYS D 188 3.96 12.75 -10.69
CA CYS D 188 4.66 13.78 -11.44
C CYS D 188 4.57 15.11 -10.69
N MET D 189 5.71 15.83 -10.70
CA MET D 189 5.81 17.16 -10.14
C MET D 189 4.74 18.10 -10.73
N ALA D 190 3.98 18.77 -9.85
CA ALA D 190 3.03 19.83 -10.20
C ALA D 190 1.73 19.27 -10.79
N PHE D 191 1.48 17.95 -10.59
CA PHE D 191 0.24 17.32 -11.04
C PHE D 191 -0.68 16.99 -9.86
N SER D 192 -0.83 17.90 -8.88
CA SER D 192 -1.55 17.51 -7.68
CA SER D 192 -1.59 17.62 -7.66
C SER D 192 -3.01 17.18 -7.97
N LEU D 193 -3.74 17.99 -8.76
CA LEU D 193 -5.17 17.72 -8.95
C LEU D 193 -5.37 16.42 -9.74
N TYR D 194 -4.55 16.20 -10.78
CA TYR D 194 -4.58 14.96 -11.53
C TYR D 194 -4.34 13.79 -10.58
N ASN D 195 -3.32 13.89 -9.74
CA ASN D 195 -2.99 12.78 -8.86
C ASN D 195 -4.12 12.57 -7.84
N MET D 196 -4.71 13.67 -7.35
CA MET D 196 -5.82 13.51 -6.42
C MET D 196 -6.97 12.76 -7.10
N GLY D 197 -7.27 13.14 -8.35
CA GLY D 197 -8.35 12.47 -9.08
C GLY D 197 -8.06 10.96 -9.24
N LYS D 198 -6.81 10.61 -9.57
CA LYS D 198 -6.52 9.20 -9.78
C LYS D 198 -6.53 8.45 -8.45
N HIS D 199 -6.10 9.06 -7.33
CA HIS D 199 -6.28 8.40 -6.05
C HIS D 199 -7.76 8.25 -5.72
N ALA D 200 -8.61 9.26 -6.04
CA ALA D 200 -10.03 9.10 -5.78
C ALA D 200 -10.57 7.91 -6.57
N LEU D 201 -10.07 7.70 -7.79
CA LEU D 201 -10.58 6.60 -8.60
C LEU D 201 -10.21 5.25 -7.99
N VAL D 202 -9.04 5.13 -7.32
CA VAL D 202 -8.70 3.89 -6.61
C VAL D 202 -9.74 3.68 -5.53
N GLY D 203 -10.02 4.74 -4.76
CA GLY D 203 -11.04 4.64 -3.73
C GLY D 203 -12.38 4.20 -4.32
N LEU D 204 -12.78 4.77 -5.44
CA LEU D 204 -14.04 4.34 -6.04
C LEU D 204 -14.00 2.85 -6.39
N THR D 205 -12.90 2.43 -7.00
CA THR D 205 -12.79 1.04 -7.44
C THR D 205 -13.01 0.11 -6.24
N GLN D 206 -12.38 0.43 -5.12
CA GLN D 206 -12.49 -0.44 -3.96
C GLN D 206 -13.88 -0.33 -3.33
N SER D 207 -14.37 0.91 -3.14
CA SER D 207 -15.68 1.09 -2.50
C SER D 207 -16.77 0.45 -3.36
N ALA D 208 -16.69 0.65 -4.67
CA ALA D 208 -17.76 0.11 -5.52
C ALA D 208 -17.65 -1.42 -5.61
N ALA D 209 -16.42 -1.96 -5.59
CA ALA D 209 -16.32 -3.43 -5.58
C ALA D 209 -17.07 -3.99 -4.38
N LEU D 210 -16.86 -3.39 -3.22
CA LEU D 210 -17.51 -3.88 -2.00
CA LEU D 210 -17.52 -3.92 -2.03
C LEU D 210 -19.03 -3.77 -2.11
N GLU D 211 -19.49 -2.62 -2.53
CA GLU D 211 -20.91 -2.32 -2.49
C GLU D 211 -21.70 -3.05 -3.57
N LEU D 212 -21.09 -3.27 -4.74
CA LEU D 212 -21.82 -3.87 -5.84
C LEU D 212 -21.64 -5.39 -5.89
N ALA D 213 -20.74 -5.95 -5.07
CA ALA D 213 -20.51 -7.40 -5.09
C ALA D 213 -21.83 -8.16 -4.95
N PRO D 214 -22.80 -7.74 -4.07
CA PRO D 214 -24.05 -8.50 -3.94
C PRO D 214 -24.89 -8.58 -5.20
N TYR D 215 -24.70 -7.64 -6.15
CA TYR D 215 -25.39 -7.62 -7.43
C TYR D 215 -24.59 -8.36 -8.50
N GLY D 216 -23.48 -8.97 -8.11
CA GLY D 216 -22.62 -9.70 -9.03
C GLY D 216 -21.91 -8.78 -10.04
N ILE D 217 -21.73 -7.51 -9.66
CA ILE D 217 -20.95 -6.60 -10.51
C ILE D 217 -19.56 -6.53 -9.91
N ARG D 218 -18.57 -6.85 -10.74
CA ARG D 218 -17.18 -6.75 -10.29
C ARG D 218 -16.65 -5.37 -10.68
N VAL D 219 -15.73 -4.83 -9.90
CA VAL D 219 -15.15 -3.52 -10.22
C VAL D 219 -13.65 -3.62 -10.03
N ASN D 220 -12.91 -3.35 -11.09
CA ASN D 220 -11.46 -3.51 -11.07
C ASN D 220 -10.82 -2.33 -11.77
N GLY D 221 -9.49 -2.32 -11.74
CA GLY D 221 -8.77 -1.25 -12.41
C GLY D 221 -7.62 -1.80 -13.25
N VAL D 222 -7.22 -1.01 -14.22
CA VAL D 222 -5.98 -1.27 -14.97
C VAL D 222 -5.16 -0.01 -14.85
N ALA D 223 -3.91 -0.14 -14.44
CA ALA D 223 -3.08 1.02 -14.12
C ALA D 223 -1.89 1.03 -15.06
N PRO D 224 -1.90 1.80 -16.16
CA PRO D 224 -0.73 1.90 -17.02
C PRO D 224 0.37 2.70 -16.34
N GLY D 225 1.61 2.50 -16.84
CA GLY D 225 2.73 3.31 -16.42
C GLY D 225 2.96 4.37 -17.50
N VAL D 226 3.91 4.14 -18.37
CA VAL D 226 4.06 4.97 -19.55
C VAL D 226 3.41 4.18 -20.66
N SER D 227 2.38 4.78 -21.28
CA SER D 227 1.78 4.18 -22.47
C SER D 227 1.91 5.19 -23.61
N LEU D 228 0.92 5.23 -24.51
CA LEU D 228 0.98 6.15 -25.64
C LEU D 228 1.38 7.53 -25.14
N LEU D 229 2.48 8.01 -25.72
CA LEU D 229 2.96 9.33 -25.42
C LEU D 229 2.34 10.27 -26.45
N PRO D 230 2.25 11.57 -26.13
CA PRO D 230 1.86 12.57 -27.13
C PRO D 230 2.72 12.57 -28.40
N VAL D 231 2.07 12.55 -29.58
CA VAL D 231 2.82 12.48 -30.82
C VAL D 231 3.72 13.71 -30.98
N ALA D 232 3.25 14.87 -30.48
CA ALA D 232 3.96 16.14 -30.58
C ALA D 232 5.14 16.23 -29.60
N MET D 233 5.17 15.35 -28.57
CA MET D 233 6.26 15.32 -27.63
C MET D 233 7.53 15.01 -28.44
N GLY D 234 8.59 15.80 -28.24
CA GLY D 234 9.85 15.53 -28.93
C GLY D 234 10.36 14.12 -28.62
N GLU D 235 10.93 13.45 -29.64
CA GLU D 235 11.43 12.09 -29.41
C GLU D 235 12.51 12.07 -28.33
N GLU D 236 13.23 13.17 -28.15
CA GLU D 236 14.24 13.22 -27.07
C GLU D 236 13.53 13.06 -25.73
N GLU D 237 12.37 13.70 -25.58
CA GLU D 237 11.67 13.63 -24.29
C GLU D 237 11.01 12.26 -24.14
N LYS D 238 10.42 11.75 -25.25
CA LYS D 238 9.83 10.43 -25.20
C LYS D 238 10.86 9.39 -24.78
N ASP D 239 12.08 9.50 -25.33
CA ASP D 239 13.14 8.57 -25.00
C ASP D 239 13.49 8.67 -23.52
N LYS D 240 13.37 9.88 -22.93
CA LYS D 240 13.69 10.00 -21.51
C LYS D 240 12.77 9.08 -20.72
N TRP D 241 11.48 9.05 -21.07
CA TRP D 241 10.51 8.21 -20.39
C TRP D 241 10.74 6.74 -20.73
N ARG D 242 10.95 6.43 -22.02
CA ARG D 242 11.13 5.05 -22.44
C ARG D 242 12.32 4.43 -21.73
N ARG D 243 13.42 5.17 -21.56
CA ARG D 243 14.60 4.56 -20.95
C ARG D 243 14.37 4.21 -19.48
N LYS D 244 13.32 4.74 -18.84
CA LYS D 244 13.02 4.46 -17.44
C LYS D 244 12.42 3.06 -17.28
N VAL D 245 11.82 2.49 -18.33
CA VAL D 245 11.01 1.28 -18.18
C VAL D 245 11.88 0.03 -18.17
N PRO D 246 11.93 -0.76 -17.06
CA PRO D 246 12.79 -1.95 -17.04
C PRO D 246 12.51 -2.93 -18.17
N LEU D 247 11.23 -3.22 -18.43
CA LEU D 247 10.87 -4.26 -19.36
C LEU D 247 10.83 -3.70 -20.79
N GLY D 248 11.99 -3.70 -21.46
CA GLY D 248 11.99 -3.38 -22.87
C GLY D 248 12.37 -1.93 -23.18
N ARG D 249 12.47 -1.05 -22.17
CA ARG D 249 12.81 0.35 -22.38
C ARG D 249 11.90 0.95 -23.46
N ARG D 250 10.60 0.72 -23.32
CA ARG D 250 9.61 1.27 -24.23
C ARG D 250 8.29 1.43 -23.48
N GLU D 251 7.43 2.28 -24.01
CA GLU D 251 6.08 2.48 -23.50
C GLU D 251 5.16 1.33 -23.90
N ALA D 252 4.07 1.12 -23.12
CA ALA D 252 3.06 0.14 -23.51
C ALA D 252 2.29 0.66 -24.72
N SER D 253 1.93 -0.27 -25.60
CA SER D 253 0.99 0.08 -26.65
C SER D 253 -0.39 0.20 -26.02
N ALA D 254 -1.30 0.87 -26.75
CA ALA D 254 -2.67 0.89 -26.27
C ALA D 254 -3.26 -0.52 -26.22
N GLU D 255 -2.85 -1.41 -27.15
CA GLU D 255 -3.35 -2.76 -27.20
C GLU D 255 -2.91 -3.56 -25.97
N GLN D 256 -1.70 -3.27 -25.46
CA GLN D 256 -1.26 -3.99 -24.27
C GLN D 256 -2.14 -3.60 -23.06
N ILE D 257 -2.51 -2.33 -22.98
CA ILE D 257 -3.40 -1.89 -21.90
C ILE D 257 -4.75 -2.57 -22.11
N ALA D 258 -5.25 -2.55 -23.38
CA ALA D 258 -6.55 -3.14 -23.65
C ALA D 258 -6.57 -4.62 -23.31
N ASP D 259 -5.46 -5.34 -23.47
CA ASP D 259 -5.43 -6.77 -23.15
C ASP D 259 -5.75 -7.01 -21.66
N ALA D 260 -5.29 -6.12 -20.76
CA ALA D 260 -5.60 -6.31 -19.34
C ALA D 260 -7.10 -6.07 -19.08
N VAL D 261 -7.68 -5.08 -19.77
CA VAL D 261 -9.13 -4.82 -19.67
C VAL D 261 -9.92 -6.06 -20.10
N ILE D 262 -9.55 -6.63 -21.26
CA ILE D 262 -10.20 -7.82 -21.80
C ILE D 262 -10.13 -8.95 -20.78
N PHE D 263 -8.97 -9.16 -20.13
CA PHE D 263 -8.91 -10.18 -19.08
C PHE D 263 -9.92 -9.92 -17.97
N LEU D 264 -9.93 -8.65 -17.48
CA LEU D 264 -10.79 -8.39 -16.33
C LEU D 264 -12.29 -8.54 -16.61
N VAL D 265 -12.70 -8.30 -17.87
CA VAL D 265 -14.13 -8.44 -18.12
C VAL D 265 -14.47 -9.88 -18.51
N SER D 266 -13.46 -10.74 -18.63
CA SER D 266 -13.69 -12.10 -19.16
C SER D 266 -14.20 -13.05 -18.07
N GLY D 267 -14.61 -14.23 -18.56
CA GLY D 267 -15.01 -15.33 -17.69
C GLY D 267 -13.84 -15.84 -16.84
N SER D 268 -12.60 -15.53 -17.23
CA SER D 268 -11.39 -15.95 -16.50
C SER D 268 -11.08 -15.10 -15.26
N ALA D 269 -11.93 -14.08 -15.00
CA ALA D 269 -11.69 -13.14 -13.92
C ALA D 269 -12.91 -13.04 -13.01
N GLN D 270 -13.71 -14.11 -12.99
CA GLN D 270 -15.01 -13.97 -12.35
C GLN D 270 -14.93 -13.96 -10.82
N TYR D 271 -13.75 -14.21 -10.24
CA TYR D 271 -13.64 -14.07 -8.78
C TYR D 271 -12.84 -12.81 -8.42
N ILE D 272 -12.46 -12.04 -9.44
CA ILE D 272 -11.60 -10.86 -9.26
C ILE D 272 -12.48 -9.60 -9.13
N THR D 273 -12.39 -8.96 -7.96
CA THR D 273 -13.06 -7.67 -7.74
C THR D 273 -12.21 -6.86 -6.78
N GLY D 274 -12.18 -5.56 -7.02
CA GLY D 274 -11.40 -4.65 -6.17
C GLY D 274 -9.91 -4.70 -6.45
N SER D 275 -9.51 -5.25 -7.59
CA SER D 275 -8.10 -5.44 -7.90
C SER D 275 -7.71 -4.42 -8.95
N ILE D 276 -6.48 -3.92 -8.84
CA ILE D 276 -5.95 -3.04 -9.86
C ILE D 276 -4.70 -3.68 -10.42
N ILE D 277 -4.72 -3.99 -11.72
CA ILE D 277 -3.60 -4.62 -12.39
C ILE D 277 -2.68 -3.54 -12.97
N LYS D 278 -1.40 -3.50 -12.53
CA LYS D 278 -0.47 -2.57 -13.13
C LYS D 278 -0.04 -3.15 -14.46
N VAL D 279 0.04 -2.29 -15.47
CA VAL D 279 0.53 -2.70 -16.79
C VAL D 279 1.61 -1.67 -17.11
N ASP D 280 2.77 -1.83 -16.44
CA ASP D 280 3.71 -0.73 -16.46
C ASP D 280 5.15 -1.13 -16.75
N GLY D 281 5.37 -2.41 -17.09
CA GLY D 281 6.71 -2.85 -17.49
C GLY D 281 7.74 -2.71 -16.36
N GLY D 282 7.24 -2.64 -15.11
CA GLY D 282 8.11 -2.49 -13.94
C GLY D 282 8.41 -1.04 -13.56
N LEU D 283 7.89 -0.04 -14.28
CA LEU D 283 8.26 1.34 -14.05
C LEU D 283 8.06 1.80 -12.59
N SER D 284 6.99 1.35 -11.94
CA SER D 284 6.68 1.78 -10.58
C SER D 284 7.63 1.21 -9.54
N LEU D 285 8.42 0.20 -9.92
CA LEU D 285 9.38 -0.40 -9.00
C LEU D 285 10.73 0.31 -9.01
N VAL D 286 10.90 1.32 -9.88
CA VAL D 286 12.19 1.96 -10.10
C VAL D 286 12.31 3.16 -9.16
N HIS D 287 13.36 3.12 -8.35
CA HIS D 287 13.66 4.20 -7.45
C HIS D 287 14.24 5.43 -8.17
N ALA D 288 14.23 6.56 -7.46
CA ALA D 288 14.66 7.85 -8.00
C ALA D 288 16.14 7.80 -8.40
NAA 3AY E . -17.02 10.89 12.89
C6 3AY E . -16.28 11.06 11.75
C5 3AY E . -16.22 12.32 11.18
N1 3AY E . -15.59 10.01 11.22
C2 3AY E . -14.87 10.24 10.06
NAH 3AY E . -14.12 9.28 9.44
N3 3AY E . -14.83 11.50 9.50
C4 3AY E . -15.53 12.50 10.03
NAI 3AY E . -15.50 13.71 9.44
PA NDP F . -16.24 15.85 12.57
O1A NDP F . -16.58 16.17 13.98
O2A NDP F . -17.10 14.88 11.82
O5B NDP F . -16.15 17.17 11.66
C5B NDP F . -15.17 18.18 12.03
C4B NDP F . -15.72 19.52 11.63
O4B NDP F . -15.72 19.64 10.19
C3B NDP F . -17.18 19.83 12.00
O3B NDP F . -17.29 20.22 13.37
C2B NDP F . -17.55 20.93 10.99
O2B NDP F . -17.46 22.27 11.52
C1B NDP F . -16.47 20.79 9.90
N9A NDP F . -17.13 20.69 8.60
C8A NDP F . -18.04 19.75 8.15
N7A NDP F . -18.58 20.10 7.00
C5A NDP F . -18.02 21.33 6.70
C6A NDP F . -18.19 22.25 5.63
N6A NDP F . -19.05 22.09 4.61
N1A NDP F . -17.50 23.40 5.68
C2A NDP F . -16.67 23.63 6.70
N3A NDP F . -16.40 22.83 7.73
C4A NDP F . -17.14 21.71 7.70
O3 NDP F . -14.68 15.37 12.56
PN NDP F . -13.96 14.50 13.68
O1N NDP F . -14.77 13.28 13.97
O2N NDP F . -13.51 15.39 14.78
O5D NDP F . -12.66 14.04 12.80
C5D NDP F . -11.59 14.99 12.55
C4D NDP F . -10.84 14.52 11.34
O4D NDP F . -10.37 13.16 11.59
C3D NDP F . -11.68 14.45 10.05
O3D NDP F . -10.92 14.86 8.90
C2D NDP F . -12.04 12.98 9.97
O2D NDP F . -12.31 12.55 8.62
C1D NDP F . -10.78 12.32 10.53
N1N NDP F . -11.12 10.98 11.11
C2N NDP F . -11.87 10.90 12.26
C3N NDP F . -12.32 9.70 12.73
C7N NDP F . -13.20 9.56 13.89
O7N NDP F . -13.33 8.42 14.34
N7N NDP F . -13.78 10.62 14.49
C4N NDP F . -11.93 8.43 12.00
C5N NDP F . -11.09 8.63 10.82
C6N NDP F . -10.77 9.84 10.42
P2B NDP F . -18.72 23.01 12.26
O1X NDP F . -19.10 22.10 13.45
O2X NDP F . -18.11 24.34 12.64
O3X NDP F . -19.88 23.12 11.24
PA NDP G . -1.30 -26.30 0.18
O1A NDP G . -2.26 -27.36 -0.28
O2A NDP G . -1.34 -25.88 1.61
O5B NDP G . 0.21 -26.70 -0.14
C5B NDP G . 0.64 -26.90 -1.52
C4B NDP G . 1.78 -27.88 -1.54
O4B NDP G . 2.92 -27.34 -0.83
C3B NDP G . 1.54 -29.19 -0.77
O3B NDP G . 0.70 -30.09 -1.48
C2B NDP G . 2.96 -29.70 -0.50
O2B NDP G . 3.41 -30.76 -1.40
C1B NDP G . 3.81 -28.42 -0.68
N9A NDP G . 4.73 -28.20 0.42
C8A NDP G . 4.47 -28.01 1.76
N7A NDP G . 5.58 -28.02 2.48
C5A NDP G . 6.59 -28.32 1.59
C6A NDP G . 7.98 -28.51 1.77
N6A NDP G . 8.60 -28.47 2.94
N1A NDP G . 8.70 -28.85 0.66
C2A NDP G . 8.07 -28.88 -0.53
N3A NDP G . 6.77 -28.72 -0.82
C4A NDP G . 6.08 -28.43 0.31
O3 NDP G . -1.53 -25.03 -0.82
PN NDP G . -2.91 -24.52 -1.49
O1N NDP G . -3.91 -24.35 -0.43
O2N NDP G . -3.23 -25.35 -2.72
O5D NDP G . -2.42 -23.03 -1.92
C5D NDP G . -1.54 -22.88 -3.08
C4D NDP G . -0.79 -21.58 -2.96
O4D NDP G . -1.73 -20.48 -2.85
C3D NDP G . 0.13 -21.47 -1.72
O3D NDP G . 1.30 -20.72 -2.02
C2D NDP G . -0.74 -20.72 -0.73
O2D NDP G . 0.00 -20.01 0.29
C1D NDP G . -1.47 -19.74 -1.65
N1N NDP G . -2.75 -19.36 -1.01
C2N NDP G . -3.77 -20.28 -0.85
C3N NDP G . -4.91 -19.97 -0.15
C7N NDP G . -5.99 -20.96 0.04
O7N NDP G . -7.09 -20.55 0.42
N7N NDP G . -5.74 -22.24 -0.24
C4N NDP G . -5.10 -18.61 0.44
C5N NDP G . -3.99 -17.67 0.13
C6N NDP G . -2.88 -18.07 -0.49
P2B NDP G . 3.10 -32.31 -0.95
O1X NDP G . 3.69 -32.99 -2.16
O2X NDP G . 3.88 -32.66 0.31
O3X NDP G . 1.58 -32.48 -0.78
NAA 3AY H . -2.70 -19.36 2.81
C6 3AY H . -2.59 -20.69 2.65
C5 3AY H . -3.73 -21.49 2.82
N1 3AY H . -1.42 -21.26 2.33
C2 3AY H . -1.31 -22.57 2.15
NAH 3AY H . -0.09 -23.07 1.86
N3 3AY H . -2.37 -23.42 2.34
C4 3AY H . -3.57 -22.90 2.65
NAI 3AY H . -4.62 -23.72 2.80
C1 EDO I . 16.08 -21.15 7.77
O1 EDO I . 17.03 -22.22 7.79
C2 EDO I . 16.43 -19.91 7.04
O2 EDO I . 17.21 -18.96 7.78
PA NDP J . 24.44 -0.68 9.94
O1A NDP J . 25.43 0.30 10.43
O2A NDP J . 24.56 -1.21 8.53
O5B NDP J . 24.39 -1.97 10.91
C5B NDP J . 24.00 -1.77 12.29
C4B NDP J . 24.65 -2.83 13.13
O4B NDP J . 24.07 -4.12 12.84
C3B NDP J . 26.15 -3.07 12.88
O3B NDP J . 27.00 -2.13 13.54
C2B NDP J . 26.33 -4.47 13.46
O2B NDP J . 26.81 -4.45 14.80
C1B NDP J . 24.92 -5.05 13.45
N9A NDP J . 24.87 -6.32 12.74
C8A NDP J . 25.20 -6.59 11.42
N7A NDP J . 25.22 -7.88 11.15
C5A NDP J . 24.98 -8.50 12.38
C6A NDP J . 24.93 -9.86 12.78
N6A NDP J . 25.15 -10.90 11.97
N1A NDP J . 24.74 -10.10 14.09
C2A NDP J . 24.52 -9.07 14.92
N3A NDP J . 24.54 -7.76 14.67
C4A NDP J . 24.78 -7.54 13.37
O3 NDP J . 23.00 -0.03 10.20
PN NDP J . 22.56 1.51 10.07
O1N NDP J . 23.08 2.03 8.76
O2N NDP J . 22.91 2.26 11.31
O5D NDP J . 20.98 1.29 9.95
C5D NDP J . 20.23 1.00 11.18
C4D NDP J . 18.90 0.42 10.77
O4D NDP J . 18.22 1.33 9.84
C3D NDP J . 18.99 -0.93 10.03
O3D NDP J . 17.93 -1.79 10.38
C2D NDP J . 18.88 -0.53 8.55
O2D NDP J . 18.41 -1.51 7.60
C1D NDP J . 17.87 0.63 8.65
N1N NDP J . 18.05 1.58 7.52
C2N NDP J . 19.17 2.38 7.43
C3N NDP J . 19.37 3.19 6.36
C7N NDP J . 20.59 4.03 6.22
O7N NDP J . 20.59 4.82 5.28
N7N NDP J . 21.63 3.90 7.05
C4N NDP J . 18.39 3.19 5.27
C5N NDP J . 17.23 2.32 5.44
C6N NDP J . 17.09 1.56 6.51
P2B NDP J . 28.40 -4.68 15.13
O1X NDP J . 28.38 -4.75 16.62
O2X NDP J . 29.00 -5.90 14.47
O3X NDP J . 28.98 -3.37 14.55
NAA 3AY K . 19.37 0.03 4.24
C6 3AY K . 20.47 -0.14 5.02
C5 3AY K . 21.53 0.79 4.85
N1 3AY K . 20.56 -1.15 5.92
C2 3AY K . 21.69 -1.26 6.67
NAH 3AY K . 21.78 -2.22 7.56
N3 3AY K . 22.73 -0.38 6.55
C4 3AY K . 22.70 0.62 5.64
NAI 3AY K . 23.74 1.53 5.48
C ACT L . 28.89 -3.39 31.36
O ACT L . 28.17 -4.17 30.65
OXT ACT L . 28.87 -3.35 32.69
CH3 ACT L . 29.79 -2.42 30.55
PA NDP M . -6.02 10.72 -23.33
O1A NDP M . -5.77 10.54 -24.79
O2A NDP M . -5.22 11.73 -22.57
O5B NDP M . -7.58 11.07 -23.05
C5B NDP M . -8.60 10.13 -23.43
C4B NDP M . -9.83 10.89 -23.83
O4B NDP M . -10.45 11.47 -22.66
C3B NDP M . -9.68 12.08 -24.79
O3B NDP M . -9.55 11.67 -26.15
C2B NDP M . -10.96 12.87 -24.53
O2B NDP M . -11.93 12.61 -25.55
C1B NDP M . -11.44 12.33 -23.16
N9A NDP M . -11.68 13.42 -22.23
C8A NDP M . -10.78 14.40 -21.84
N7A NDP M . -11.35 15.38 -21.17
C5A NDP M . -12.72 15.08 -21.21
C6A NDP M . -13.87 15.74 -20.71
N6A NDP M . -13.85 16.93 -20.12
N1A NDP M . -15.07 15.19 -21.01
C2A NDP M . -15.11 14.01 -21.63
N3A NDP M . -14.11 13.26 -22.11
C4A NDP M . -12.93 13.88 -21.88
O3 NDP M . -5.94 9.28 -22.58
PN NDP M . -4.95 8.04 -22.87
O1N NDP M . -3.53 8.54 -22.95
O2N NDP M . -5.50 7.29 -24.03
O5D NDP M . -5.14 7.22 -21.51
C5D NDP M . -6.33 6.39 -21.29
C4D NDP M . -6.50 6.16 -19.81
O4D NDP M . -5.27 5.56 -19.28
C3D NDP M . -6.70 7.45 -18.99
O3D NDP M . -7.62 7.28 -17.91
C2D NDP M . -5.30 7.77 -18.45
O2D NDP M . -5.28 8.57 -17.24
C1D NDP M . -4.77 6.35 -18.21
N1N NDP M . -3.29 6.34 -18.27
C2N NDP M . -2.64 6.62 -19.44
C3N NDP M . -1.28 6.67 -19.49
C7N NDP M . -0.56 6.89 -20.77
O7N NDP M . 0.67 6.78 -20.77
N7N NDP M . -1.22 7.23 -21.88
C4N NDP M . -0.51 6.58 -18.20
C5N NDP M . -1.32 6.33 -17.01
C6N NDP M . -2.60 6.14 -17.08
P2B NDP M . -12.18 13.51 -26.88
O1X NDP M . -10.91 13.32 -27.71
O2X NDP M . -13.41 12.93 -27.55
O3X NDP M . -12.44 14.97 -26.44
NAA 3AY N . -1.65 9.60 -17.25
C6 3AY N . -2.18 10.09 -18.38
C5 3AY N . -1.38 10.27 -19.55
N1 3AY N . -3.51 10.36 -18.39
C2 3AY N . -4.06 10.86 -19.53
NAH 3AY N . -5.35 11.13 -19.55
N3 3AY N . -3.32 11.01 -20.66
C4 3AY N . -1.99 10.75 -20.69
NAI 3AY N . -1.30 10.94 -21.86
C ACT O . 8.97 14.84 -32.81
O ACT O . 8.42 14.13 -33.71
OXT ACT O . 10.10 14.58 -32.30
CH3 ACT O . 8.16 16.06 -32.23
#